data_8WI5
#
_entry.id   8WI5
#
_cell.length_a   1.00
_cell.length_b   1.00
_cell.length_c   1.00
_cell.angle_alpha   90.00
_cell.angle_beta   90.00
_cell.angle_gamma   90.00
#
_symmetry.space_group_name_H-M   'P 1'
#
loop_
_entity.id
_entity.type
_entity.pdbx_description
1 polymer 'ATP-binding cassette sub-family C member 5'
2 polymer 'ATP-binding cassette sub-family C member 5'
#
loop_
_entity_poly.entity_id
_entity_poly.type
_entity_poly.pdbx_seq_one_letter_code
_entity_poly.pdbx_strand_id
1 'polypeptide(L)'
;TSKHQHPVDNAGLFSCMTFSWLSSLARVAHKKGELSMEDVWSLSKHESSDVNCRRLERLWQEELNEVGPDAASLRRVVWI
FCRTRLILSIVCLMITQLAGFSGPAFMVKHLLEYTQATESNLQYSLLLVLGLLLTEIVRSWSLALTWALNYRTGVRLRGA
ILTMAFKKILKLKNIKEKSLGELINICSNDGQRMFEAAAVGSLLAGGPVVAILGMIYNVIILGPTGFLGSAVFILFYPAM
MFASRLTAYFRRKCVAATDERVQKMNEVLTYIKFIKMYAWVKAFSQSVQKIREEERRILEKAGYFQSITVGVAPIVVVIA
SVVTFSVHMTLGFDLTAAQAFTVVTVFNSMTFALKVTPFSVKSLSEASVAVDRFKSLFLMEEVHMIKNKPASPHIKIEMK
NATLAWDSSHSSIQNSPKLTPKMKKDKRASRGKKEKVRQLQRTEHQAVLAEQKGHLLLDSDERPSPEEEEGKHIHLGHLR
LQRTLHSIDLEIQEGKLVGICGSVGSGKTSLISAILGQMTLLEGSIAISGTFAYVAQQAWILNATLRDNILFGKEYDEER
YNSVLNSCCLRPDLAILPSSDLTEIGERGANLSGGQRQRISLARALYSDRSIYILDDPLSALDAHVGNHIFNSAIRKHLK
SKTVLFVTHQLQYLVDCDEVIFMKEGCITERGTHEELMNLNGDYATIFNNLLLGETPPVEINSKKETSGSQKKSQDKGPK
TGSVKKEKAVKPEEGQLVQLEEKGQGSVPWSVYGVYIQAAGGPLAFLVIMALFMLNVGSTAFSTWWLSYWIKQGSGNTTV
TRGNETSVSDSMKDNPHMQYYASIYALSMAVMLILKAIRGVVFVKGTLRASSRLHDELFRRILRSPMKFFDTTPTGRILN
RFSKDMDEVDVRLPFQAEMFIQNVILVFFCVGMIAGVFPWFLVAVGPLVILFSVLHIVSRVLIRELKRLDNITQSPFLSH
ITSSIQGLATIHAYNKGQEFLHRYQELLDDNQAPFFLFTCAMRWLAVRLDLISIALITTTGLMIVLMHGQIPPAYAGLAI
SYAVQLTGLFQFTVRLASETEARFTSVERINHYIKTLSLEAPARIKNKAPSPDWPQEGEVTFENAEMRYRENLPLVLKKV
SFTIKPKEKIGIVGRTGSGKSSLGMALFRLVELSGGCIKIDGVRISDIGLADLRSKLSIIPQEPVLFSGTVRSNLDPFNQ
YTEDQIWDALERTHMKECIAQLPLKLESEVMENGDNFSVGERQLLCIARALLRHCKILILDEATAAMDTETDLLIQETIR
EAFADCTMLTIAHRLHTVLGSDRIMVLAQGQVVEFDTPSVLLSNDSSRFYAMFAAAENKVAVKG
;
A
2 'polypeptide(L)' CQDALETAARAEGLSLDASMHSQL B
#
# COMPACT_ATOMS: atom_id res chain seq x y z
N THR A 1 15.12 -22.73 9.29
CA THR A 1 16.52 -22.62 8.94
C THR A 1 17.37 -23.63 9.72
N SER A 2 17.84 -24.67 9.03
CA SER A 2 18.66 -25.70 9.65
C SER A 2 19.56 -26.29 8.57
N LYS A 3 20.83 -25.89 8.58
CA LYS A 3 21.79 -26.37 7.60
C LYS A 3 23.19 -26.22 8.17
N HIS A 4 24.12 -26.99 7.61
CA HIS A 4 25.52 -26.93 8.01
C HIS A 4 26.32 -25.99 7.12
N GLN A 5 26.31 -26.24 5.81
CA GLN A 5 26.99 -25.40 4.83
C GLN A 5 26.05 -25.11 3.67
N HIS A 6 26.09 -23.88 3.18
CA HIS A 6 25.23 -23.50 2.07
C HIS A 6 25.61 -24.29 0.82
N PRO A 7 24.64 -24.88 0.11
CA PRO A 7 24.97 -25.63 -1.11
C PRO A 7 25.60 -24.78 -2.20
N VAL A 8 25.35 -23.47 -2.20
CA VAL A 8 25.96 -22.60 -3.21
C VAL A 8 27.48 -22.59 -3.07
N ASP A 9 27.96 -22.49 -1.83
CA ASP A 9 29.41 -22.48 -1.61
C ASP A 9 30.06 -23.83 -1.88
N ASN A 10 29.27 -24.91 -1.94
CA ASN A 10 29.76 -26.25 -2.19
C ASN A 10 29.26 -26.79 -3.53
N ALA A 11 29.11 -25.89 -4.51
CA ALA A 11 28.63 -26.26 -5.84
C ALA A 11 29.66 -25.83 -6.87
N GLY A 12 29.86 -26.69 -7.87
CA GLY A 12 30.78 -26.39 -8.95
C GLY A 12 30.17 -25.44 -9.97
N LEU A 13 30.92 -25.22 -11.05
CA LEU A 13 30.44 -24.35 -12.11
C LEU A 13 29.16 -24.88 -12.73
N PHE A 14 29.13 -26.18 -13.03
CA PHE A 14 27.93 -26.77 -13.63
C PHE A 14 26.77 -26.78 -12.64
N SER A 15 27.04 -27.09 -11.37
CA SER A 15 25.96 -27.16 -10.39
C SER A 15 25.32 -25.80 -10.15
N CYS A 16 26.13 -24.76 -9.97
CA CYS A 16 25.57 -23.41 -9.80
C CYS A 16 24.94 -22.93 -11.10
N MET A 17 25.52 -23.30 -12.24
CA MET A 17 24.98 -22.88 -13.53
C MET A 17 23.59 -23.47 -13.77
N THR A 18 23.38 -24.73 -13.42
CA THR A 18 22.10 -25.39 -13.62
C THR A 18 21.20 -25.36 -12.39
N PHE A 19 21.71 -24.91 -11.24
CA PHE A 19 20.96 -24.84 -9.99
C PHE A 19 20.40 -26.21 -9.61
N SER A 20 21.33 -27.17 -9.45
CA SER A 20 20.93 -28.54 -9.13
C SER A 20 20.46 -28.67 -7.68
N TRP A 21 21.04 -27.88 -6.77
CA TRP A 21 20.65 -27.98 -5.37
C TRP A 21 19.19 -27.58 -5.17
N LEU A 22 18.77 -26.48 -5.81
CA LEU A 22 17.37 -26.08 -5.68
C LEU A 22 16.44 -27.03 -6.42
N SER A 23 16.92 -27.65 -7.50
CA SER A 23 16.11 -28.69 -8.15
C SER A 23 15.89 -29.88 -7.22
N SER A 24 16.94 -30.29 -6.49
CA SER A 24 16.78 -31.35 -5.50
C SER A 24 15.84 -30.94 -4.38
N LEU A 25 15.94 -29.68 -3.93
CA LEU A 25 15.05 -29.20 -2.89
C LEU A 25 13.59 -29.22 -3.36
N ALA A 26 13.36 -28.80 -4.61
CA ALA A 26 12.00 -28.83 -5.16
C ALA A 26 11.49 -30.26 -5.28
N ARG A 27 12.34 -31.19 -5.73
CA ARG A 27 11.93 -32.58 -5.84
C ARG A 27 11.63 -33.16 -4.46
N VAL A 28 12.33 -32.68 -3.43
CA VAL A 28 12.01 -33.09 -2.06
C VAL A 28 10.67 -32.54 -1.64
N ALA A 29 10.42 -31.26 -1.94
CA ALA A 29 9.14 -30.65 -1.60
C ALA A 29 7.99 -31.32 -2.33
N HIS A 30 8.17 -31.63 -3.61
CA HIS A 30 7.12 -32.28 -4.40
C HIS A 30 7.06 -33.77 -4.11
N GLY A 33 3.97 -31.55 0.01
CA GLY A 33 3.04 -30.66 -0.66
C GLY A 33 3.20 -29.21 -0.26
N GLU A 34 4.00 -28.97 0.78
CA GLU A 34 4.24 -27.61 1.26
C GLU A 34 5.64 -27.55 1.88
N LEU A 35 6.16 -26.34 1.97
CA LEU A 35 7.49 -26.09 2.51
C LEU A 35 7.40 -25.18 3.73
N SER A 36 8.14 -25.53 4.77
CA SER A 36 8.23 -24.74 5.99
C SER A 36 9.62 -24.13 6.11
N MET A 37 9.78 -23.28 7.13
CA MET A 37 11.07 -22.64 7.36
C MET A 37 12.13 -23.60 7.89
N GLU A 38 11.72 -24.74 8.43
CA GLU A 38 12.66 -25.74 8.91
C GLU A 38 13.32 -26.53 7.78
N ASP A 39 12.80 -26.43 6.56
CA ASP A 39 13.37 -27.14 5.42
C ASP A 39 14.30 -26.27 4.58
N VAL A 40 14.12 -24.96 4.61
CA VAL A 40 14.97 -24.07 3.82
C VAL A 40 16.29 -23.84 4.56
N TRP A 41 17.31 -23.47 3.80
CA TRP A 41 18.64 -23.22 4.35
C TRP A 41 18.78 -21.75 4.77
N SER A 42 19.60 -21.52 5.79
CA SER A 42 19.83 -20.18 6.28
C SER A 42 20.78 -19.43 5.34
N LEU A 43 21.02 -18.17 5.67
CA LEU A 43 21.90 -17.34 4.84
C LEU A 43 23.34 -17.84 4.93
N SER A 44 24.05 -17.73 3.81
CA SER A 44 25.44 -18.19 3.75
C SER A 44 26.35 -17.25 4.55
N LYS A 45 27.50 -17.80 4.95
CA LYS A 45 28.47 -17.01 5.69
C LYS A 45 29.00 -15.85 4.86
N HIS A 46 29.27 -16.09 3.58
CA HIS A 46 29.75 -15.03 2.70
C HIS A 46 28.69 -13.94 2.49
N GLU A 47 27.43 -14.24 2.69
CA GLU A 47 26.34 -13.28 2.54
C GLU A 47 25.87 -12.73 3.88
N SER A 48 26.63 -12.96 4.95
CA SER A 48 26.22 -12.47 6.27
C SER A 48 26.19 -10.95 6.29
N SER A 49 25.22 -10.41 7.03
CA SER A 49 25.05 -8.96 7.09
C SER A 49 26.18 -8.28 7.85
N ASP A 50 26.76 -8.95 8.85
CA ASP A 50 27.78 -8.31 9.69
C ASP A 50 29.03 -7.98 8.89
N VAL A 51 29.55 -8.96 8.15
CA VAL A 51 30.79 -8.75 7.40
C VAL A 51 30.59 -7.71 6.31
N ASN A 52 29.48 -7.80 5.58
CA ASN A 52 29.21 -6.84 4.51
C ASN A 52 29.04 -5.43 5.07
N CYS A 53 28.34 -5.31 6.20
CA CYS A 53 28.16 -4.00 6.83
C CYS A 53 29.50 -3.43 7.29
N ARG A 54 30.35 -4.28 7.88
CA ARG A 54 31.67 -3.81 8.32
C ARG A 54 32.50 -3.35 7.13
N ARG A 55 32.49 -4.10 6.04
CA ARG A 55 33.26 -3.71 4.85
C ARG A 55 32.73 -2.40 4.28
N LEU A 56 31.39 -2.25 4.21
CA LEU A 56 30.82 -1.01 3.69
C LEU A 56 31.15 0.18 4.58
N GLU A 57 31.11 -0.01 5.90
CA GLU A 57 31.46 1.06 6.82
C GLU A 57 32.93 1.45 6.67
N ARG A 58 33.81 0.45 6.53
CA ARG A 58 35.23 0.74 6.33
C ARG A 58 35.46 1.51 5.04
N LEU A 59 34.78 1.11 3.96
CA LEU A 59 34.91 1.81 2.69
C LEU A 59 34.40 3.25 2.80
N TRP A 60 33.28 3.44 3.48
CA TRP A 60 32.73 4.79 3.66
C TRP A 60 33.67 5.65 4.49
N GLN A 61 34.26 5.09 5.54
CA GLN A 61 35.21 5.83 6.35
C GLN A 61 36.45 6.21 5.55
N GLU A 62 36.95 5.28 4.73
CA GLU A 62 38.11 5.56 3.90
C GLU A 62 37.79 6.66 2.88
N GLU A 63 36.60 6.61 2.28
CA GLU A 63 36.23 7.62 1.29
C GLU A 63 36.00 8.98 1.94
N LEU A 64 35.50 9.00 3.17
CA LEU A 64 35.22 10.27 3.85
C LEU A 64 36.50 11.07 4.08
N ASN A 65 37.57 10.40 4.49
CA ASN A 65 38.84 11.08 4.77
C ASN A 65 39.73 11.13 3.53
N GLU A 66 39.17 11.59 2.41
CA GLU A 66 39.91 11.76 1.18
C GLU A 66 39.91 13.21 0.70
N VAL A 67 38.75 13.85 0.66
CA VAL A 67 38.65 15.25 0.25
C VAL A 67 37.83 16.01 1.27
N GLY A 68 37.22 15.29 2.21
CA GLY A 68 36.39 15.90 3.23
C GLY A 68 34.95 15.44 3.14
N PRO A 69 34.19 15.64 4.20
CA PRO A 69 32.78 15.21 4.20
C PRO A 69 31.86 16.20 3.51
N ASP A 70 32.24 16.66 2.32
CA ASP A 70 31.43 17.61 1.56
C ASP A 70 31.28 17.24 0.09
N ALA A 71 32.09 16.31 -0.43
CA ALA A 71 32.00 15.92 -1.84
C ALA A 71 32.09 14.42 -2.04
N ALA A 72 31.85 13.63 -0.99
CA ALA A 72 31.92 12.18 -1.08
C ALA A 72 30.60 11.63 -1.60
N SER A 73 30.68 10.80 -2.64
CA SER A 73 29.51 10.20 -3.26
C SER A 73 29.47 8.71 -2.96
N LEU A 74 28.31 8.21 -2.54
CA LEU A 74 28.17 6.79 -2.24
C LEU A 74 28.24 5.92 -3.48
N ARG A 75 28.07 6.51 -4.66
CA ARG A 75 28.20 5.74 -5.89
C ARG A 75 29.61 5.17 -6.04
N ARG A 76 30.62 5.97 -5.73
CA ARG A 76 32.01 5.48 -5.78
C ARG A 76 32.22 4.37 -4.77
N VAL A 77 31.64 4.50 -3.58
CA VAL A 77 31.78 3.46 -2.56
C VAL A 77 31.14 2.16 -3.04
N VAL A 78 29.95 2.25 -3.63
CA VAL A 78 29.27 1.06 -4.15
C VAL A 78 30.09 0.43 -5.28
N TRP A 79 30.64 1.25 -6.16
CA TRP A 79 31.45 0.72 -7.26
C TRP A 79 32.69 0.03 -6.74
N ILE A 80 33.34 0.60 -5.72
CA ILE A 80 34.52 -0.05 -5.13
C ILE A 80 34.12 -1.36 -4.47
N PHE A 81 32.99 -1.37 -3.76
CA PHE A 81 32.54 -2.58 -3.07
C PHE A 81 32.23 -3.70 -4.04
N CYS A 82 31.60 -3.38 -5.17
CA CYS A 82 31.17 -4.39 -6.13
C CYS A 82 32.01 -4.37 -7.41
N ARG A 83 33.25 -3.90 -7.33
CA ARG A 83 34.08 -3.76 -8.54
C ARG A 83 34.34 -5.11 -9.20
N THR A 84 34.80 -6.09 -8.42
CA THR A 84 35.15 -7.38 -9.01
C THR A 84 33.91 -8.10 -9.55
N ARG A 85 32.83 -8.14 -8.75
CA ARG A 85 31.63 -8.84 -9.17
C ARG A 85 31.00 -8.21 -10.40
N LEU A 86 30.94 -6.88 -10.43
CA LEU A 86 30.36 -6.20 -11.60
C LEU A 86 31.23 -6.39 -12.84
N ILE A 87 32.56 -6.39 -12.67
CA ILE A 87 33.45 -6.63 -13.80
C ILE A 87 33.26 -8.04 -14.35
N LEU A 88 33.17 -9.03 -13.46
CA LEU A 88 32.92 -10.40 -13.90
C LEU A 88 31.57 -10.52 -14.60
N SER A 89 30.55 -9.84 -14.07
CA SER A 89 29.24 -9.86 -14.71
C SER A 89 29.28 -9.23 -16.09
N ILE A 90 30.02 -8.13 -16.23
CA ILE A 90 30.13 -7.45 -17.52
C ILE A 90 30.84 -8.36 -18.52
N VAL A 91 31.91 -9.03 -18.09
CA VAL A 91 32.63 -9.94 -18.98
C VAL A 91 31.72 -11.10 -19.41
N CYS A 92 30.99 -11.67 -18.45
CA CYS A 92 30.09 -12.77 -18.78
C CYS A 92 28.99 -12.34 -19.74
N LEU A 93 28.45 -11.14 -19.55
CA LEU A 93 27.42 -10.65 -20.46
C LEU A 93 28.00 -10.33 -21.83
N MET A 94 29.24 -9.84 -21.89
CA MET A 94 29.91 -9.67 -23.17
C MET A 94 30.02 -11.00 -23.90
N ILE A 95 30.42 -12.05 -23.18
CA ILE A 95 30.53 -13.38 -23.79
C ILE A 95 29.17 -13.86 -24.27
N THR A 96 28.14 -13.65 -23.45
CA THR A 96 26.78 -14.09 -23.81
C THR A 96 26.30 -13.39 -25.07
N GLN A 97 26.49 -12.07 -25.14
CA GLN A 97 26.03 -11.31 -26.31
C GLN A 97 26.84 -11.68 -27.55
N LEU A 98 28.15 -11.89 -27.40
CA LEU A 98 28.95 -12.31 -28.54
C LEU A 98 28.49 -13.66 -29.07
N ALA A 99 28.22 -14.60 -28.17
CA ALA A 99 27.75 -15.91 -28.61
C ALA A 99 26.37 -15.80 -29.27
N GLY A 100 25.46 -15.02 -28.68
CA GLY A 100 24.13 -14.87 -29.23
C GLY A 100 24.07 -14.08 -30.52
N PHE A 101 25.11 -13.30 -30.82
CA PHE A 101 25.20 -12.65 -32.12
C PHE A 101 25.90 -13.52 -33.16
N SER A 102 26.91 -14.29 -32.74
CA SER A 102 27.66 -15.12 -33.69
C SER A 102 26.91 -16.38 -34.08
N GLY A 103 26.14 -16.98 -33.18
CA GLY A 103 25.53 -18.26 -33.43
C GLY A 103 24.42 -18.26 -34.47
N PRO A 104 23.28 -17.66 -34.12
CA PRO A 104 22.09 -17.81 -35.00
C PRO A 104 22.27 -17.23 -36.39
N ALA A 105 22.79 -16.02 -36.50
CA ALA A 105 22.91 -15.37 -37.80
C ALA A 105 23.83 -16.14 -38.73
N PHE A 106 25.05 -16.45 -38.25
CA PHE A 106 26.02 -17.17 -39.08
C PHE A 106 25.52 -18.57 -39.42
N MET A 107 24.93 -19.27 -38.44
CA MET A 107 24.45 -20.62 -38.70
C MET A 107 23.30 -20.62 -39.71
N VAL A 108 22.39 -19.66 -39.60
CA VAL A 108 21.29 -19.57 -40.57
C VAL A 108 21.83 -19.25 -41.96
N LYS A 109 22.78 -18.32 -42.04
CA LYS A 109 23.36 -17.99 -43.34
C LYS A 109 24.05 -19.19 -43.97
N HIS A 110 24.82 -19.93 -43.17
CA HIS A 110 25.51 -21.11 -43.69
C HIS A 110 24.53 -22.20 -44.10
N LEU A 111 23.48 -22.43 -43.31
CA LEU A 111 22.51 -23.46 -43.65
C LEU A 111 21.74 -23.12 -44.92
N LEU A 112 21.33 -21.85 -45.07
CA LEU A 112 20.57 -21.47 -46.24
C LEU A 112 21.44 -21.38 -47.49
N GLU A 113 22.72 -21.02 -47.32
CA GLU A 113 23.63 -21.05 -48.46
C GLU A 113 23.87 -22.47 -48.95
N TYR A 114 23.98 -23.44 -48.03
CA TYR A 114 24.14 -24.83 -48.42
C TYR A 114 22.87 -25.37 -49.07
N THR A 115 21.71 -24.88 -48.64
CA THR A 115 20.45 -25.34 -49.22
C THR A 115 20.37 -24.98 -50.70
N GLN A 116 20.81 -23.78 -51.07
CA GLN A 116 20.78 -23.36 -52.47
C GLN A 116 21.79 -24.10 -53.33
N ALA A 117 22.79 -24.75 -52.73
CA ALA A 117 23.78 -25.48 -53.50
C ALA A 117 23.15 -26.75 -54.11
N THR A 118 23.58 -27.04 -55.33
CA THR A 118 23.07 -28.21 -56.05
C THR A 118 23.45 -29.52 -55.39
N GLU A 119 24.68 -29.66 -54.91
CA GLU A 119 25.15 -30.88 -54.27
C GLU A 119 24.68 -30.93 -52.83
N SER A 120 24.42 -32.14 -52.34
CA SER A 120 23.95 -32.37 -50.98
C SER A 120 25.03 -33.07 -50.17
N ASN A 121 25.31 -32.55 -48.98
CA ASN A 121 26.30 -33.12 -48.07
C ASN A 121 25.63 -33.43 -46.74
N LEU A 122 25.83 -34.66 -46.27
CA LEU A 122 25.22 -35.12 -45.02
C LEU A 122 26.12 -34.94 -43.81
N GLN A 123 27.30 -34.34 -43.99
CA GLN A 123 28.25 -34.14 -42.90
C GLN A 123 28.47 -32.67 -42.55
N TYR A 124 28.54 -31.80 -43.54
CA TYR A 124 28.81 -30.38 -43.28
C TYR A 124 27.66 -29.74 -42.49
N SER A 125 26.42 -30.09 -42.81
CA SER A 125 25.28 -29.52 -42.10
C SER A 125 25.23 -29.99 -40.65
N LEU A 126 25.64 -31.24 -40.40
CA LEU A 126 25.65 -31.75 -39.03
C LEU A 126 26.61 -30.96 -38.16
N LEU A 127 27.78 -30.59 -38.70
CA LEU A 127 28.71 -29.75 -37.96
C LEU A 127 28.09 -28.39 -37.65
N LEU A 128 27.37 -27.82 -38.63
CA LEU A 128 26.74 -26.52 -38.42
C LEU A 128 25.70 -26.58 -37.31
N VAL A 129 24.83 -27.60 -37.34
CA VAL A 129 23.78 -27.68 -36.32
C VAL A 129 24.38 -28.00 -34.95
N LEU A 130 25.43 -28.82 -34.90
CA LEU A 130 26.10 -29.09 -33.64
C LEU A 130 26.73 -27.82 -33.07
N GLY A 131 27.37 -27.02 -33.93
CA GLY A 131 27.94 -25.77 -33.47
C GLY A 131 26.88 -24.79 -32.98
N LEU A 132 25.74 -24.74 -33.69
CA LEU A 132 24.65 -23.87 -33.26
C LEU A 132 24.12 -24.29 -31.89
N LEU A 133 23.93 -25.60 -31.69
CA LEU A 133 23.46 -26.09 -30.39
C LEU A 133 24.47 -25.79 -29.29
N LEU A 134 25.76 -26.00 -29.57
CA LEU A 134 26.79 -25.72 -28.58
C LEU A 134 26.83 -24.24 -28.22
N THR A 135 26.73 -23.36 -29.23
CA THR A 135 26.75 -21.93 -28.97
C THR A 135 25.53 -21.51 -28.16
N GLU A 136 24.35 -22.03 -28.49
CA GLU A 136 23.15 -21.70 -27.73
C GLU A 136 23.26 -22.17 -26.29
N ILE A 137 23.76 -23.39 -26.08
CA ILE A 137 23.94 -23.90 -24.72
C ILE A 137 24.94 -23.05 -23.95
N VAL A 138 26.04 -22.68 -24.58
CA VAL A 138 27.07 -21.88 -23.92
C VAL A 138 26.50 -20.52 -23.52
N ARG A 139 25.77 -19.87 -24.43
CA ARG A 139 25.24 -18.55 -24.12
C ARG A 139 24.17 -18.63 -23.03
N SER A 140 23.33 -19.67 -23.04
CA SER A 140 22.33 -19.82 -22.00
C SER A 140 23.00 -20.06 -20.64
N TRP A 141 24.03 -20.91 -20.60
CA TRP A 141 24.73 -21.17 -19.35
C TRP A 141 25.43 -19.92 -18.84
N SER A 142 26.05 -19.15 -19.74
CA SER A 142 26.71 -17.91 -19.32
C SER A 142 25.69 -16.90 -18.80
N LEU A 143 24.53 -16.81 -19.43
CA LEU A 143 23.47 -15.94 -18.93
C LEU A 143 23.00 -16.38 -17.55
N ALA A 144 22.87 -17.69 -17.34
CA ALA A 144 22.48 -18.20 -16.03
C ALA A 144 23.52 -17.84 -14.96
N LEU A 145 24.80 -18.03 -15.28
CA LEU A 145 25.85 -17.68 -14.34
C LEU A 145 25.85 -16.18 -14.04
N THR A 146 25.65 -15.36 -15.07
CA THR A 146 25.58 -13.91 -14.89
C THR A 146 24.43 -13.54 -13.97
N TRP A 147 23.26 -14.15 -14.18
CA TRP A 147 22.11 -13.87 -13.34
C TRP A 147 22.35 -14.28 -11.90
N ALA A 148 22.96 -15.45 -11.69
CA ALA A 148 23.25 -15.89 -10.33
C ALA A 148 24.23 -14.96 -9.63
N LEU A 149 25.28 -14.56 -10.32
CA LEU A 149 26.26 -13.64 -9.73
C LEU A 149 25.63 -12.29 -9.42
N ASN A 150 24.78 -11.79 -10.33
CA ASN A 150 24.11 -10.51 -10.09
C ASN A 150 23.17 -10.60 -8.90
N TYR A 151 22.43 -11.71 -8.77
CA TYR A 151 21.54 -11.87 -7.63
C TYR A 151 22.33 -11.91 -6.32
N ARG A 152 23.45 -12.64 -6.31
CA ARG A 152 24.27 -12.69 -5.10
C ARG A 152 24.81 -11.30 -4.74
N THR A 153 25.32 -10.57 -5.75
CA THR A 153 25.86 -9.23 -5.50
C THR A 153 24.77 -8.30 -4.98
N GLY A 154 23.58 -8.35 -5.59
CA GLY A 154 22.49 -7.51 -5.14
C GLY A 154 22.04 -7.83 -3.74
N VAL A 155 21.98 -9.12 -3.40
CA VAL A 155 21.59 -9.51 -2.04
C VAL A 155 22.62 -9.00 -1.03
N ARG A 156 23.91 -9.16 -1.34
CA ARG A 156 24.95 -8.68 -0.44
C ARG A 156 24.87 -7.16 -0.26
N LEU A 157 24.70 -6.44 -1.37
CA LEU A 157 24.63 -4.99 -1.30
C LEU A 157 23.40 -4.53 -0.52
N ARG A 158 22.26 -5.17 -0.73
CA ARG A 158 21.04 -4.81 -0.01
C ARG A 158 21.22 -5.05 1.49
N GLY A 159 21.78 -6.20 1.86
CA GLY A 159 22.01 -6.47 3.27
C GLY A 159 22.95 -5.46 3.90
N ALA A 160 24.06 -5.16 3.22
CA ALA A 160 25.03 -4.21 3.76
C ALA A 160 24.42 -2.82 3.92
N ILE A 161 23.69 -2.36 2.90
CA ILE A 161 23.14 -1.01 2.94
C ILE A 161 22.04 -0.91 4.00
N LEU A 162 21.21 -1.95 4.14
CA LEU A 162 20.18 -1.92 5.16
C LEU A 162 20.78 -1.94 6.56
N THR A 163 21.82 -2.75 6.77
CA THR A 163 22.48 -2.78 8.08
C THR A 163 23.11 -1.43 8.40
N MET A 164 23.77 -0.82 7.41
CA MET A 164 24.39 0.49 7.64
C MET A 164 23.34 1.56 7.92
N ALA A 165 22.22 1.53 7.19
CA ALA A 165 21.15 2.50 7.42
C ALA A 165 20.56 2.35 8.82
N PHE A 166 20.34 1.11 9.26
CA PHE A 166 19.81 0.89 10.60
C PHE A 166 20.81 1.33 11.67
N LYS A 167 22.11 1.05 11.45
CA LYS A 167 23.12 1.47 12.41
C LYS A 167 23.20 2.98 12.53
N LYS A 168 23.12 3.67 11.38
CA LYS A 168 23.19 5.13 11.39
C LYS A 168 21.96 5.74 12.08
N ILE A 169 20.78 5.17 11.85
CA ILE A 169 19.55 5.71 12.43
C ILE A 169 19.59 5.61 13.94
N LEU A 170 20.14 4.51 14.48
CA LEU A 170 20.14 4.29 15.92
C LEU A 170 20.94 5.35 16.68
N LYS A 171 21.80 6.10 15.99
CA LYS A 171 22.60 7.16 16.60
C LYS A 171 22.27 8.51 15.98
N LEU A 172 20.99 8.78 15.78
CA LEU A 172 20.54 10.04 15.20
C LEU A 172 20.31 11.08 16.29
N LYS A 173 20.77 12.30 16.05
CA LYS A 173 20.59 13.38 17.01
C LYS A 173 19.20 14.00 16.88
N ASN A 174 18.88 14.52 15.70
CA ASN A 174 17.57 15.13 15.43
C ASN A 174 16.64 14.04 14.93
N ILE A 175 15.99 13.35 15.87
CA ILE A 175 15.09 12.25 15.50
C ILE A 175 13.86 12.77 14.78
N LYS A 176 13.34 13.92 15.19
CA LYS A 176 12.12 14.48 14.61
C LYS A 176 12.36 15.29 13.35
N GLU A 177 13.62 15.46 12.94
CA GLU A 177 13.91 16.22 11.73
C GLU A 177 13.35 15.53 10.50
N LYS A 178 13.51 14.22 10.41
CA LYS A 178 13.03 13.46 9.26
C LYS A 178 11.61 12.95 9.51
N SER A 179 10.89 12.71 8.42
CA SER A 179 9.53 12.21 8.51
C SER A 179 9.52 10.77 9.03
N LEU A 180 8.45 10.43 9.76
CA LEU A 180 8.33 9.09 10.32
C LEU A 180 8.24 8.05 9.21
N GLY A 181 7.44 8.33 8.17
CA GLY A 181 7.31 7.39 7.07
C GLY A 181 8.59 7.24 6.27
N GLU A 182 9.31 8.35 6.07
CA GLU A 182 10.55 8.31 5.30
C GLU A 182 11.60 7.43 5.97
N LEU A 183 11.71 7.53 7.29
CA LEU A 183 12.70 6.73 8.01
C LEU A 183 12.41 5.23 7.87
N ILE A 184 11.14 4.86 7.95
CA ILE A 184 10.77 3.45 7.76
C ILE A 184 11.03 3.02 6.32
N ASN A 185 10.67 3.87 5.36
CA ASN A 185 10.87 3.53 3.95
C ASN A 185 12.33 3.39 3.59
N ILE A 186 13.22 4.10 4.30
CA ILE A 186 14.65 4.04 4.01
C ILE A 186 15.19 2.64 4.30
N CYS A 187 14.78 2.05 5.42
CA CYS A 187 15.28 0.74 5.84
C CYS A 187 14.41 -0.42 5.40
N SER A 188 13.33 -0.16 4.65
CA SER A 188 12.42 -1.21 4.23
C SER A 188 12.37 -1.39 2.72
N ASN A 189 12.13 -0.32 1.98
CA ASN A 189 11.97 -0.42 0.53
C ASN A 189 13.26 -0.19 -0.24
N ASP A 190 14.20 0.57 0.32
CA ASP A 190 15.39 0.95 -0.43
C ASP A 190 16.26 -0.26 -0.76
N GLY A 191 16.26 -1.29 0.09
CA GLY A 191 17.08 -2.45 -0.18
C GLY A 191 16.66 -3.20 -1.43
N GLN A 192 15.35 -3.41 -1.60
CA GLN A 192 14.86 -4.05 -2.81
C GLN A 192 15.15 -3.20 -4.04
N ARG A 193 15.02 -1.88 -3.92
CA ARG A 193 15.36 -1.00 -5.03
C ARG A 193 16.82 -1.14 -5.42
N MET A 194 17.72 -1.14 -4.44
CA MET A 194 19.14 -1.30 -4.74
C MET A 194 19.43 -2.66 -5.38
N PHE A 195 18.81 -3.72 -4.86
CA PHE A 195 19.03 -5.05 -5.42
C PHE A 195 18.59 -5.11 -6.88
N GLU A 196 17.36 -4.68 -7.16
CA GLU A 196 16.86 -4.71 -8.53
C GLU A 196 17.68 -3.80 -9.43
N ALA A 197 18.05 -2.62 -8.94
CA ALA A 197 18.83 -1.69 -9.74
C ALA A 197 20.19 -2.28 -10.11
N ALA A 198 20.86 -2.90 -9.13
CA ALA A 198 22.15 -3.52 -9.41
C ALA A 198 22.01 -4.66 -10.42
N ALA A 199 20.97 -5.49 -10.25
CA ALA A 199 20.78 -6.62 -11.14
C ALA A 199 20.55 -6.17 -12.58
N VAL A 200 19.62 -5.23 -12.78
CA VAL A 200 19.29 -4.84 -14.15
C VAL A 200 20.34 -3.88 -14.70
N GLY A 201 21.15 -3.26 -13.85
CA GLY A 201 22.28 -2.49 -14.34
C GLY A 201 23.42 -3.35 -14.80
N SER A 202 23.63 -4.49 -14.14
CA SER A 202 24.54 -5.49 -14.68
C SER A 202 24.00 -6.08 -15.97
N LEU A 203 22.68 -6.28 -16.05
CA LEU A 203 22.06 -6.73 -17.30
C LEU A 203 22.00 -5.63 -18.36
N LEU A 204 22.30 -4.38 -18.01
CA LEU A 204 22.17 -3.28 -18.96
C LEU A 204 23.09 -3.45 -20.16
N ALA A 205 24.33 -3.87 -19.92
CA ALA A 205 25.35 -3.94 -20.97
C ALA A 205 25.12 -5.16 -21.87
N GLY A 206 23.93 -5.20 -22.47
CA GLY A 206 23.61 -6.24 -23.42
C GLY A 206 22.97 -5.71 -24.68
N GLY A 207 22.53 -4.45 -24.64
CA GLY A 207 21.84 -3.85 -25.76
C GLY A 207 22.72 -3.07 -26.72
N PRO A 208 23.48 -2.09 -26.22
CA PRO A 208 24.28 -1.25 -27.11
C PRO A 208 25.38 -2.00 -27.86
N VAL A 209 25.83 -3.16 -27.38
CA VAL A 209 26.90 -3.89 -28.04
C VAL A 209 26.31 -4.75 -29.15
N VAL A 210 25.32 -5.57 -28.81
CA VAL A 210 24.74 -6.47 -29.80
C VAL A 210 23.97 -5.70 -30.86
N ALA A 211 23.38 -4.55 -30.49
CA ALA A 211 22.68 -3.74 -31.48
C ALA A 211 23.65 -3.20 -32.52
N ILE A 212 24.80 -2.67 -32.09
CA ILE A 212 25.79 -2.16 -33.03
C ILE A 212 26.37 -3.29 -33.86
N LEU A 213 26.61 -4.45 -33.23
CA LEU A 213 27.12 -5.60 -33.98
C LEU A 213 26.14 -6.02 -35.09
N GLY A 214 24.85 -6.08 -34.75
CA GLY A 214 23.85 -6.43 -35.75
C GLY A 214 23.73 -5.39 -36.84
N MET A 215 23.82 -4.11 -36.47
CA MET A 215 23.79 -3.04 -37.48
C MET A 215 24.95 -3.17 -38.45
N ILE A 216 26.15 -3.44 -37.92
CA ILE A 216 27.33 -3.60 -38.76
C ILE A 216 27.17 -4.83 -39.66
N TYR A 217 26.65 -5.93 -39.12
CA TYR A 217 26.45 -7.13 -39.92
C TYR A 217 25.45 -6.88 -41.05
N ASN A 218 24.34 -6.19 -40.75
CA ASN A 218 23.35 -5.89 -41.77
C ASN A 218 23.92 -4.97 -42.84
N VAL A 219 24.71 -3.97 -42.43
CA VAL A 219 25.33 -3.07 -43.39
C VAL A 219 26.29 -3.84 -44.30
N ILE A 220 27.08 -4.75 -43.72
CA ILE A 220 28.02 -5.53 -44.51
C ILE A 220 27.28 -6.43 -45.49
N ILE A 221 26.21 -7.09 -45.04
CA ILE A 221 25.52 -8.06 -45.88
C ILE A 221 24.73 -7.34 -46.98
N LEU A 222 23.77 -6.50 -46.58
CA LEU A 222 22.89 -5.88 -47.56
C LEU A 222 23.62 -4.81 -48.37
N GLY A 223 24.41 -3.97 -47.70
CA GLY A 223 25.11 -2.89 -48.36
C GLY A 223 24.68 -1.53 -47.87
N PRO A 224 24.56 -0.57 -48.79
CA PRO A 224 24.13 0.78 -48.40
C PRO A 224 22.71 0.85 -47.86
N THR A 225 21.89 -0.16 -48.12
CA THR A 225 20.50 -0.15 -47.69
C THR A 225 20.30 -0.74 -46.30
N GLY A 226 21.37 -1.09 -45.60
CA GLY A 226 21.25 -1.67 -44.27
C GLY A 226 20.94 -0.67 -43.17
N PHE A 227 21.00 0.63 -43.45
CA PHE A 227 20.71 1.64 -42.45
C PHE A 227 19.23 1.90 -42.27
N LEU A 228 18.39 1.34 -43.15
CA LEU A 228 16.95 1.58 -43.06
C LEU A 228 16.36 1.00 -41.79
N GLY A 229 16.78 -0.21 -41.42
CA GLY A 229 16.31 -0.78 -40.16
C GLY A 229 16.75 0.02 -38.96
N SER A 230 17.99 0.52 -38.99
CA SER A 230 18.47 1.37 -37.91
C SER A 230 17.64 2.64 -37.80
N ALA A 231 17.34 3.28 -38.95
CA ALA A 231 16.51 4.48 -38.94
C ALA A 231 15.11 4.18 -38.41
N VAL A 232 14.56 3.03 -38.79
CA VAL A 232 13.24 2.64 -38.30
C VAL A 232 13.26 2.47 -36.79
N PHE A 233 14.29 1.81 -36.27
CA PHE A 233 14.39 1.63 -34.82
C PHE A 233 14.53 2.97 -34.10
N ILE A 234 15.35 3.88 -34.63
CA ILE A 234 15.56 5.18 -33.99
C ILE A 234 14.29 6.01 -34.05
N LEU A 235 13.51 5.87 -35.12
CA LEU A 235 12.25 6.60 -35.23
C LEU A 235 11.11 5.94 -34.46
N PHE A 236 11.25 4.68 -34.07
CA PHE A 236 10.16 3.97 -33.41
C PHE A 236 10.31 3.93 -31.89
N TYR A 237 11.47 3.52 -31.39
CA TYR A 237 11.61 3.32 -29.94
C TYR A 237 11.43 4.60 -29.13
N PRO A 238 12.00 5.75 -29.49
CA PRO A 238 11.65 6.99 -28.76
C PRO A 238 10.17 7.31 -28.81
N ALA A 239 9.46 6.95 -29.88
CA ALA A 239 8.01 7.13 -29.90
C ALA A 239 7.34 6.27 -28.83
N MET A 240 7.82 5.04 -28.64
CA MET A 240 7.30 4.19 -27.58
C MET A 240 7.61 4.79 -26.20
N MET A 241 8.81 5.35 -26.04
CA MET A 241 9.14 6.00 -24.77
C MET A 241 8.22 7.20 -24.51
N PHE A 242 7.93 7.99 -25.54
CA PHE A 242 7.02 9.12 -25.38
C PHE A 242 5.61 8.64 -25.05
N ALA A 243 5.17 7.54 -25.67
CA ALA A 243 3.87 6.98 -25.34
C ALA A 243 3.83 6.52 -23.89
N SER A 244 4.90 5.89 -23.41
CA SER A 244 4.97 5.49 -22.01
C SER A 244 4.92 6.70 -21.08
N ARG A 245 5.62 7.77 -21.44
CA ARG A 245 5.60 8.98 -20.64
C ARG A 245 4.20 9.58 -20.59
N LEU A 246 3.50 9.59 -21.74
CA LEU A 246 2.13 10.09 -21.77
C LEU A 246 1.20 9.21 -20.93
N THR A 247 1.40 7.89 -20.97
CA THR A 247 0.60 7.00 -20.13
C THR A 247 0.85 7.28 -18.65
N ALA A 248 2.10 7.50 -18.28
CA ALA A 248 2.41 7.85 -16.89
C ALA A 248 1.77 9.17 -16.50
N TYR A 249 1.79 10.16 -17.41
CA TYR A 249 1.16 11.45 -17.12
C TYR A 249 -0.34 11.29 -16.92
N PHE A 250 -0.99 10.46 -17.73
CA PHE A 250 -2.42 10.21 -17.56
C PHE A 250 -2.69 9.47 -16.26
N ARG A 251 -1.84 8.50 -15.92
CA ARG A 251 -2.00 7.78 -14.66
C ARG A 251 -1.80 8.70 -13.47
N ARG A 252 -1.02 9.78 -13.63
CA ARG A 252 -0.87 10.74 -12.55
C ARG A 252 -2.21 11.37 -12.18
N LYS A 253 -3.02 11.75 -13.18
CA LYS A 253 -4.35 12.27 -12.90
C LYS A 253 -5.31 11.17 -12.51
N CYS A 254 -5.10 9.96 -13.04
CA CYS A 254 -5.94 8.82 -12.65
C CYS A 254 -5.80 8.53 -11.16
N VAL A 255 -4.59 8.70 -10.61
CA VAL A 255 -4.38 8.48 -9.18
C VAL A 255 -5.21 9.46 -8.37
N ALA A 256 -5.21 10.74 -8.78
CA ALA A 256 -6.02 11.73 -8.06
C ALA A 256 -7.50 11.43 -8.19
N ALA A 257 -7.95 11.00 -9.38
CA ALA A 257 -9.35 10.66 -9.56
C ALA A 257 -9.75 9.50 -8.67
N THR A 258 -8.90 8.47 -8.60
CA THR A 258 -9.18 7.33 -7.73
C THR A 258 -9.18 7.72 -6.27
N ASP A 259 -8.26 8.61 -5.87
CA ASP A 259 -8.25 9.08 -4.49
C ASP A 259 -9.52 9.84 -4.15
N GLU A 260 -9.99 10.68 -5.08
CA GLU A 260 -11.25 11.40 -4.86
C GLU A 260 -12.42 10.43 -4.75
N ARG A 261 -12.46 9.42 -5.62
CA ARG A 261 -13.54 8.43 -5.54
C ARG A 261 -13.49 7.66 -4.22
N VAL A 262 -12.29 7.32 -3.77
CA VAL A 262 -12.14 6.60 -2.51
C VAL A 262 -12.59 7.46 -1.34
N GLN A 263 -12.23 8.75 -1.36
CA GLN A 263 -12.68 9.65 -0.30
C GLN A 263 -14.19 9.79 -0.28
N LYS A 264 -14.80 9.90 -1.47
CA LYS A 264 -16.27 9.99 -1.53
C LYS A 264 -16.92 8.71 -1.01
N MET A 265 -16.37 7.55 -1.38
CA MET A 265 -16.92 6.29 -0.89
C MET A 265 -16.78 6.17 0.61
N ASN A 266 -15.63 6.60 1.16
CA ASN A 266 -15.44 6.57 2.60
C ASN A 266 -16.43 7.49 3.31
N GLU A 267 -16.65 8.68 2.75
CA GLU A 267 -17.61 9.61 3.35
C GLU A 267 -19.02 9.03 3.30
N VAL A 268 -19.37 8.36 2.20
CA VAL A 268 -20.70 7.77 2.07
C VAL A 268 -20.87 6.65 3.09
N LEU A 269 -19.85 5.78 3.22
CA LEU A 269 -19.98 4.63 4.10
C LEU A 269 -19.90 5.02 5.57
N THR A 270 -19.22 6.13 5.89
CA THR A 270 -19.11 6.55 7.28
C THR A 270 -20.47 6.92 7.87
N TYR A 271 -21.31 7.60 7.09
CA TYR A 271 -22.63 8.04 7.55
C TYR A 271 -23.74 7.35 6.77
N ILE A 272 -23.60 6.04 6.58
CA ILE A 272 -24.62 5.28 5.84
C ILE A 272 -25.95 5.29 6.57
N LYS A 273 -25.91 5.24 7.91
CA LYS A 273 -27.15 5.29 8.68
C LYS A 273 -27.89 6.60 8.47
N PHE A 274 -27.15 7.71 8.45
CA PHE A 274 -27.78 9.02 8.23
C PHE A 274 -28.36 9.13 6.83
N ILE A 275 -27.64 8.60 5.83
CA ILE A 275 -28.12 8.67 4.45
C ILE A 275 -29.43 7.90 4.28
N LYS A 276 -29.49 6.70 4.86
CA LYS A 276 -30.73 5.91 4.79
C LYS A 276 -31.87 6.61 5.52
N MET A 277 -31.59 7.23 6.68
CA MET A 277 -32.61 7.92 7.45
C MET A 277 -33.06 9.23 6.82
N TYR A 278 -32.26 9.79 5.91
CA TYR A 278 -32.60 11.06 5.26
C TYR A 278 -33.05 10.91 3.83
N ALA A 279 -33.02 9.69 3.27
CA ALA A 279 -33.47 9.43 1.90
C ALA A 279 -32.74 10.31 0.88
N TRP A 280 -31.43 10.47 1.09
CA TRP A 280 -30.58 11.23 0.18
C TRP A 280 -29.66 10.32 -0.63
N VAL A 281 -30.12 9.11 -0.94
CA VAL A 281 -29.30 8.13 -1.65
C VAL A 281 -29.05 8.58 -3.08
N LYS A 282 -30.06 9.17 -3.72
CA LYS A 282 -29.99 9.45 -5.16
C LYS A 282 -28.88 10.46 -5.48
N ALA A 283 -28.75 11.50 -4.67
CA ALA A 283 -27.74 12.53 -4.94
C ALA A 283 -26.33 11.97 -4.84
N PHE A 284 -26.06 11.21 -3.77
CA PHE A 284 -24.75 10.61 -3.61
C PHE A 284 -24.48 9.59 -4.71
N SER A 285 -25.51 8.83 -5.10
CA SER A 285 -25.34 7.88 -6.20
C SER A 285 -25.00 8.59 -7.51
N GLN A 286 -25.67 9.71 -7.79
CA GLN A 286 -25.36 10.47 -8.99
C GLN A 286 -23.95 11.05 -8.95
N SER A 287 -23.53 11.56 -7.80
CA SER A 287 -22.16 12.07 -7.68
C SER A 287 -21.14 10.96 -7.89
N VAL A 288 -21.38 9.79 -7.30
CA VAL A 288 -20.47 8.65 -7.48
C VAL A 288 -20.44 8.22 -8.94
N GLN A 289 -21.60 8.24 -9.61
CA GLN A 289 -21.64 7.88 -11.02
C GLN A 289 -20.86 8.87 -11.87
N LYS A 290 -20.96 10.16 -11.57
CA LYS A 290 -20.19 11.16 -12.31
C LYS A 290 -18.70 10.98 -12.11
N ILE A 291 -18.28 10.72 -10.85
CA ILE A 291 -16.86 10.49 -10.58
C ILE A 291 -16.40 9.23 -11.30
N ARG A 292 -17.22 8.18 -11.30
CA ARG A 292 -16.86 6.95 -11.98
C ARG A 292 -16.75 7.14 -13.48
N GLU A 293 -17.62 7.96 -14.08
CA GLU A 293 -17.53 8.21 -15.51
C GLU A 293 -16.30 9.05 -15.85
N GLU A 294 -15.93 10.00 -14.98
CA GLU A 294 -14.68 10.74 -15.19
C GLU A 294 -13.48 9.80 -15.13
N GLU A 295 -13.47 8.91 -14.13
CA GLU A 295 -12.39 7.93 -14.02
C GLU A 295 -12.39 6.99 -15.22
N ARG A 296 -13.57 6.65 -15.74
CA ARG A 296 -13.65 5.79 -16.92
C ARG A 296 -13.06 6.48 -18.14
N ARG A 297 -13.33 7.78 -18.30
CA ARG A 297 -12.72 8.53 -19.40
C ARG A 297 -11.20 8.58 -19.26
N ILE A 298 -10.71 8.80 -18.04
CA ILE A 298 -9.27 8.84 -17.81
C ILE A 298 -8.65 7.49 -18.12
N LEU A 299 -9.29 6.40 -17.68
CA LEU A 299 -8.80 5.06 -17.99
C LEU A 299 -8.85 4.75 -19.47
N GLU A 300 -9.88 5.25 -20.17
CA GLU A 300 -9.94 5.07 -21.61
C GLU A 300 -8.76 5.74 -22.31
N LYS A 301 -8.45 6.97 -21.90
CA LYS A 301 -7.29 7.67 -22.46
C LYS A 301 -6.00 6.92 -22.14
N ALA A 302 -5.86 6.45 -20.90
CA ALA A 302 -4.65 5.72 -20.51
C ALA A 302 -4.50 4.43 -21.31
N GLY A 303 -5.59 3.69 -21.48
CA GLY A 303 -5.52 2.46 -22.27
C GLY A 303 -5.23 2.72 -23.73
N TYR A 304 -5.79 3.79 -24.29
CA TYR A 304 -5.51 4.15 -25.67
C TYR A 304 -4.04 4.50 -25.85
N PHE A 305 -3.46 5.21 -24.88
CA PHE A 305 -2.05 5.58 -24.93
C PHE A 305 -1.12 4.49 -24.40
N GLN A 306 -1.66 3.37 -23.92
CA GLN A 306 -0.85 2.30 -23.35
C GLN A 306 -0.81 1.05 -24.22
N SER A 307 -1.92 0.69 -24.86
CA SER A 307 -1.98 -0.54 -25.65
C SER A 307 -1.08 -0.52 -26.86
N ILE A 308 -0.56 0.65 -27.26
CA ILE A 308 0.32 0.73 -28.41
C ILE A 308 1.62 -0.03 -28.16
N THR A 309 2.18 0.11 -26.96
CA THR A 309 3.49 -0.44 -26.63
C THR A 309 3.42 -1.83 -26.01
N VAL A 310 2.22 -2.44 -25.95
CA VAL A 310 2.10 -3.76 -25.35
C VAL A 310 2.93 -4.77 -26.12
N GLY A 311 2.60 -4.97 -27.39
CA GLY A 311 3.40 -5.82 -28.26
C GLY A 311 3.89 -5.08 -29.48
N VAL A 312 5.18 -4.78 -29.53
CA VAL A 312 5.72 -3.97 -30.61
C VAL A 312 6.95 -4.57 -31.26
N ALA A 313 7.62 -5.55 -30.64
CA ALA A 313 8.82 -6.13 -31.25
C ALA A 313 8.53 -6.82 -32.58
N PRO A 314 7.56 -7.73 -32.70
CA PRO A 314 7.27 -8.28 -34.04
C PRO A 314 6.81 -7.22 -35.03
N ILE A 315 6.04 -6.23 -34.57
CA ILE A 315 5.58 -5.17 -35.45
C ILE A 315 6.76 -4.36 -35.97
N VAL A 316 7.68 -3.99 -35.07
CA VAL A 316 8.87 -3.23 -35.48
C VAL A 316 9.71 -4.05 -36.44
N VAL A 317 9.91 -5.34 -36.15
CA VAL A 317 10.72 -6.19 -37.02
C VAL A 317 10.10 -6.26 -38.41
N VAL A 318 8.79 -6.48 -38.47
CA VAL A 318 8.13 -6.62 -39.76
C VAL A 318 8.16 -5.31 -40.53
N ILE A 319 7.93 -4.18 -39.85
CA ILE A 319 7.94 -2.88 -40.53
C ILE A 319 9.33 -2.58 -41.08
N ALA A 320 10.36 -2.81 -40.27
CA ALA A 320 11.74 -2.57 -40.73
C ALA A 320 12.08 -3.47 -41.90
N SER A 321 11.70 -4.75 -41.83
CA SER A 321 11.95 -5.66 -42.94
C SER A 321 11.22 -5.20 -44.20
N VAL A 322 9.96 -4.78 -44.06
CA VAL A 322 9.20 -4.31 -45.21
C VAL A 322 9.90 -3.14 -45.88
N VAL A 323 10.28 -2.13 -45.07
CA VAL A 323 10.90 -0.93 -45.63
C VAL A 323 12.22 -1.28 -46.29
N THR A 324 13.07 -2.03 -45.59
CA THR A 324 14.40 -2.34 -46.11
C THR A 324 14.31 -3.16 -47.40
N PHE A 325 13.52 -4.23 -47.39
CA PHE A 325 13.42 -5.08 -48.56
C PHE A 325 12.79 -4.34 -49.74
N SER A 326 11.75 -3.55 -49.50
CA SER A 326 11.11 -2.81 -50.58
C SER A 326 12.09 -1.82 -51.21
N VAL A 327 12.80 -1.05 -50.39
CA VAL A 327 13.75 -0.08 -50.93
C VAL A 327 14.88 -0.78 -51.66
N HIS A 328 15.40 -1.87 -51.10
CA HIS A 328 16.54 -2.55 -51.71
C HIS A 328 16.15 -3.18 -53.05
N MET A 329 15.00 -3.84 -53.10
CA MET A 329 14.58 -4.55 -54.30
C MET A 329 14.03 -3.64 -55.38
N THR A 330 13.36 -2.54 -55.01
CA THR A 330 12.80 -1.64 -56.01
C THR A 330 13.88 -0.93 -56.81
N LEU A 331 15.03 -0.66 -56.19
CA LEU A 331 16.13 0.03 -56.87
C LEU A 331 16.79 -0.83 -57.95
N GLY A 332 16.49 -2.13 -58.01
CA GLY A 332 17.08 -3.01 -58.98
C GLY A 332 18.19 -3.91 -58.49
N PHE A 333 18.43 -3.96 -57.18
CA PHE A 333 19.48 -4.80 -56.62
C PHE A 333 19.00 -6.25 -56.56
N ASP A 334 19.80 -7.12 -55.95
CA ASP A 334 19.48 -8.53 -55.83
C ASP A 334 19.40 -8.92 -54.37
N LEU A 335 18.39 -9.72 -54.04
CA LEU A 335 18.16 -10.17 -52.68
C LEU A 335 17.96 -11.68 -52.67
N THR A 336 18.46 -12.32 -51.61
CA THR A 336 18.35 -13.75 -51.44
C THR A 336 17.68 -14.07 -50.12
N ALA A 337 17.19 -15.30 -49.99
CA ALA A 337 16.50 -15.71 -48.78
C ALA A 337 17.43 -15.69 -47.56
N ALA A 338 18.67 -16.14 -47.75
CA ALA A 338 19.60 -16.23 -46.62
C ALA A 338 19.82 -14.86 -45.98
N GLN A 339 20.12 -13.85 -46.79
CA GLN A 339 20.36 -12.51 -46.27
C GLN A 339 19.11 -11.95 -45.59
N ALA A 340 17.95 -12.15 -46.21
CA ALA A 340 16.71 -11.62 -45.66
C ALA A 340 16.41 -12.23 -44.30
N PHE A 341 16.54 -13.55 -44.18
CA PHE A 341 16.23 -14.19 -42.91
C PHE A 341 17.30 -13.91 -41.85
N THR A 342 18.56 -13.74 -42.27
CA THR A 342 19.59 -13.30 -41.33
C THR A 342 19.27 -11.92 -40.79
N VAL A 343 18.82 -11.01 -41.66
CA VAL A 343 18.44 -9.68 -41.23
C VAL A 343 17.23 -9.74 -40.30
N VAL A 344 16.29 -10.64 -40.58
CA VAL A 344 15.12 -10.79 -39.71
C VAL A 344 15.54 -11.25 -38.33
N THR A 345 16.43 -12.24 -38.26
CA THR A 345 16.90 -12.72 -36.96
C THR A 345 17.68 -11.64 -36.22
N VAL A 346 18.48 -10.87 -36.94
CA VAL A 346 19.25 -9.80 -36.30
C VAL A 346 18.31 -8.72 -35.78
N PHE A 347 17.25 -8.42 -36.53
CA PHE A 347 16.24 -7.47 -36.05
C PHE A 347 15.54 -7.99 -34.80
N ASN A 348 15.27 -9.30 -34.76
CA ASN A 348 14.72 -9.90 -33.55
C ASN A 348 15.67 -9.72 -32.37
N SER A 349 16.96 -9.89 -32.61
CA SER A 349 17.96 -9.69 -31.55
C SER A 349 17.96 -8.25 -31.06
N MET A 350 17.91 -7.28 -31.99
CA MET A 350 17.87 -5.88 -31.56
C MET A 350 16.59 -5.58 -30.78
N THR A 351 15.46 -6.15 -31.20
CA THR A 351 14.22 -5.90 -30.47
C THR A 351 14.29 -6.47 -29.06
N PHE A 352 14.86 -7.67 -28.91
CA PHE A 352 15.04 -8.24 -27.58
C PHE A 352 15.94 -7.33 -26.72
N ALA A 353 17.05 -6.87 -27.30
CA ALA A 353 17.99 -6.04 -26.54
C ALA A 353 17.35 -4.71 -26.13
N LEU A 354 16.63 -4.08 -27.06
CA LEU A 354 15.99 -2.79 -26.79
C LEU A 354 14.67 -2.93 -26.04
N LYS A 355 14.20 -4.15 -25.81
CA LYS A 355 13.13 -4.37 -24.84
C LYS A 355 13.71 -4.57 -23.44
N VAL A 356 14.87 -5.22 -23.35
CA VAL A 356 15.53 -5.37 -22.06
C VAL A 356 16.05 -4.02 -21.55
N THR A 357 16.55 -3.18 -22.45
CA THR A 357 17.23 -1.95 -22.05
C THR A 357 16.38 -0.97 -21.25
N PRO A 358 15.11 -0.68 -21.62
CA PRO A 358 14.38 0.36 -20.87
C PRO A 358 14.25 0.09 -19.38
N PHE A 359 14.04 -1.17 -19.00
CA PHE A 359 14.01 -1.48 -17.57
C PHE A 359 15.37 -1.27 -16.93
N SER A 360 16.45 -1.50 -17.68
CA SER A 360 17.78 -1.19 -17.16
C SER A 360 17.95 0.31 -16.92
N VAL A 361 17.44 1.12 -17.85
CA VAL A 361 17.52 2.58 -17.66
C VAL A 361 16.70 3.00 -16.45
N LYS A 362 15.50 2.44 -16.29
CA LYS A 362 14.68 2.74 -15.12
C LYS A 362 15.37 2.32 -13.83
N SER A 363 16.02 1.15 -13.85
CA SER A 363 16.76 0.69 -12.68
C SER A 363 17.92 1.60 -12.36
N LEU A 364 18.61 2.10 -13.38
CA LEU A 364 19.70 3.05 -13.16
C LEU A 364 19.18 4.34 -12.53
N SER A 365 18.04 4.84 -13.02
CA SER A 365 17.46 6.04 -12.44
C SER A 365 17.06 5.81 -10.98
N GLU A 366 16.45 4.65 -10.70
CA GLU A 366 16.08 4.31 -9.33
C GLU A 366 17.32 4.19 -8.44
N ALA A 367 18.40 3.62 -8.96
CA ALA A 367 19.63 3.52 -8.20
C ALA A 367 20.18 4.91 -7.88
N SER A 368 20.16 5.82 -8.86
CA SER A 368 20.62 7.18 -8.60
C SER A 368 19.78 7.85 -7.52
N VAL A 369 18.46 7.68 -7.58
CA VAL A 369 17.58 8.27 -6.58
C VAL A 369 17.87 7.68 -5.20
N ALA A 370 18.06 6.36 -5.15
CA ALA A 370 18.32 5.70 -3.88
C ALA A 370 19.65 6.15 -3.27
N VAL A 371 20.70 6.27 -4.09
CA VAL A 371 21.98 6.74 -3.58
C VAL A 371 21.88 8.17 -3.11
N ASP A 372 21.15 9.03 -3.84
CA ASP A 372 20.96 10.40 -3.39
C ASP A 372 20.24 10.45 -2.05
N ARG A 373 19.19 9.66 -1.90
CA ARG A 373 18.45 9.64 -0.63
C ARG A 373 19.31 9.12 0.51
N PHE A 374 20.10 8.07 0.25
CA PHE A 374 20.96 7.53 1.30
C PHE A 374 22.04 8.52 1.70
N LYS A 375 22.63 9.22 0.73
CA LYS A 375 23.63 10.23 1.03
C LYS A 375 23.02 11.41 1.79
N SER A 376 21.75 11.72 1.54
CA SER A 376 21.08 12.77 2.30
C SER A 376 21.00 12.41 3.78
N LEU A 377 20.68 11.16 4.08
CA LEU A 377 20.56 10.73 5.48
C LEU A 377 21.92 10.55 6.15
N PHE A 378 22.92 10.07 5.41
CA PHE A 378 24.21 9.73 6.01
C PHE A 378 24.96 10.96 6.52
N LEU A 379 24.55 12.16 6.11
CA LEU A 379 25.21 13.39 6.53
C LEU A 379 24.58 13.99 7.79
N MET A 380 23.62 13.32 8.39
CA MET A 380 22.97 13.84 9.59
C MET A 380 23.92 13.80 10.78
N GLU A 381 23.71 14.73 11.70
CA GLU A 381 24.53 14.81 12.90
C GLU A 381 24.27 13.61 13.82
N GLU A 382 25.31 13.21 14.55
CA GLU A 382 25.23 12.08 15.46
C GLU A 382 25.17 12.58 16.90
N VAL A 383 24.54 11.76 17.76
CA VAL A 383 24.42 12.07 19.19
C VAL A 383 25.69 11.62 19.89
N HIS A 384 25.95 12.21 21.06
CA HIS A 384 27.14 11.91 21.84
C HIS A 384 26.74 11.53 23.25
N MET A 385 27.60 10.71 23.88
CA MET A 385 27.38 10.23 25.23
C MET A 385 28.43 10.83 26.16
N ILE A 386 28.01 11.17 27.38
CA ILE A 386 28.92 11.73 28.37
C ILE A 386 29.74 10.60 28.98
N LYS A 387 31.07 10.71 28.90
CA LYS A 387 31.95 9.64 29.34
C LYS A 387 32.93 10.07 30.43
N ASN A 388 33.10 11.36 30.68
CA ASN A 388 34.05 11.80 31.70
C ASN A 388 33.56 11.41 33.09
N LYS A 389 34.51 11.28 34.02
CA LYS A 389 34.17 10.85 35.36
C LYS A 389 34.33 12.01 36.35
N PRO A 390 33.51 12.03 37.41
CA PRO A 390 33.62 13.11 38.40
C PRO A 390 34.88 12.98 39.25
N ALA A 391 35.17 14.01 40.04
CA ALA A 391 36.36 13.98 40.89
C ALA A 391 36.27 12.89 41.94
N SER A 392 35.09 12.72 42.55
CA SER A 392 34.90 11.71 43.58
C SER A 392 33.65 10.89 43.27
N PRO A 393 33.63 9.61 43.69
CA PRO A 393 32.43 8.80 43.48
C PRO A 393 31.21 9.29 44.22
N HIS A 394 31.39 10.13 45.26
CA HIS A 394 30.25 10.62 46.03
C HIS A 394 29.33 11.45 45.14
N ILE A 395 29.90 12.35 44.35
CA ILE A 395 29.11 13.20 43.47
C ILE A 395 28.81 12.45 42.17
N LYS A 396 27.53 12.37 41.82
CA LYS A 396 27.09 11.72 40.59
C LYS A 396 26.82 12.70 39.46
N ILE A 397 26.21 13.86 39.76
CA ILE A 397 25.95 14.90 38.78
C ILE A 397 26.66 16.17 39.23
N GLU A 398 27.48 16.74 38.35
CA GLU A 398 28.26 17.92 38.70
C GLU A 398 28.49 18.75 37.44
N MET A 399 27.95 19.97 37.42
CA MET A 399 28.15 20.90 36.32
C MET A 399 28.56 22.25 36.87
N LYS A 400 29.56 22.86 36.24
CA LYS A 400 30.11 24.15 36.66
C LYS A 400 29.92 25.15 35.54
N ASN A 401 29.04 26.13 35.77
CA ASN A 401 28.72 27.21 34.84
C ASN A 401 28.63 26.74 33.39
N ALA A 402 27.99 25.59 33.17
CA ALA A 402 27.89 25.03 31.83
C ALA A 402 26.88 25.81 30.99
N THR A 403 27.28 26.16 29.78
CA THR A 403 26.42 26.86 28.82
C THR A 403 26.14 25.91 27.67
N LEU A 404 24.87 25.52 27.53
CA LEU A 404 24.46 24.54 26.53
C LEU A 404 23.38 25.13 25.64
N ALA A 405 23.35 24.67 24.39
CA ALA A 405 22.41 25.19 23.40
C ALA A 405 21.77 24.03 22.64
N TRP A 406 20.58 24.30 22.10
CA TRP A 406 19.86 23.31 21.32
C TRP A 406 20.50 23.15 19.94
N ASP A 407 20.11 22.08 19.24
CA ASP A 407 20.60 21.82 17.90
C ASP A 407 19.42 21.52 16.99
N SER A 408 19.44 22.08 15.79
CA SER A 408 18.36 21.87 14.82
C SER A 408 18.90 21.92 13.39
N ARG A 480 22.61 25.08 13.70
CA ARG A 480 22.52 26.30 14.50
C ARG A 480 22.36 25.96 15.97
N LEU A 481 22.80 26.88 16.83
CA LEU A 481 22.74 26.71 18.28
C LEU A 481 21.70 27.66 18.85
N GLN A 482 20.80 27.13 19.70
CA GLN A 482 19.77 27.90 20.37
C GLN A 482 20.04 27.82 21.86
N ARG A 483 20.60 28.89 22.43
CA ARG A 483 20.99 28.88 23.83
C ARG A 483 19.76 28.91 24.74
N THR A 484 19.75 28.03 25.74
CA THR A 484 18.67 27.98 26.72
C THR A 484 19.15 27.96 28.17
N LEU A 485 20.34 27.43 28.45
CA LEU A 485 20.89 27.34 29.80
C LEU A 485 22.18 28.13 29.86
N HIS A 486 22.27 29.03 30.84
CA HIS A 486 23.46 29.87 31.04
C HIS A 486 23.84 29.84 32.51
N SER A 487 25.12 29.59 32.79
CA SER A 487 25.67 29.60 34.14
C SER A 487 24.90 28.64 35.05
N ILE A 488 24.98 27.36 34.70
CA ILE A 488 24.30 26.29 35.43
C ILE A 488 25.27 25.73 36.47
N ASP A 489 24.88 25.82 37.74
CA ASP A 489 25.66 25.29 38.85
C ASP A 489 24.78 24.30 39.61
N LEU A 490 24.88 23.03 39.26
CA LEU A 490 24.08 21.97 39.85
C LEU A 490 24.98 20.89 40.42
N GLU A 491 24.72 20.50 41.66
CA GLU A 491 25.47 19.44 42.32
C GLU A 491 24.50 18.54 43.06
N ILE A 492 24.49 17.25 42.71
CA ILE A 492 23.59 16.27 43.31
C ILE A 492 24.41 15.11 43.84
N GLN A 493 24.19 14.75 45.10
CA GLN A 493 24.88 13.64 45.72
C GLN A 493 24.06 12.37 45.62
N GLU A 494 24.72 11.23 45.85
CA GLU A 494 24.06 9.95 45.78
C GLU A 494 23.06 9.80 46.92
N GLY A 495 21.88 9.26 46.60
CA GLY A 495 20.84 9.05 47.58
C GLY A 495 20.00 10.26 47.89
N LYS A 496 20.15 11.36 47.16
CA LYS A 496 19.40 12.58 47.40
C LYS A 496 18.34 12.74 46.33
N LEU A 497 17.10 13.00 46.75
CA LEU A 497 15.99 13.23 45.84
C LEU A 497 15.92 14.72 45.52
N VAL A 498 16.10 15.06 44.24
CA VAL A 498 16.12 16.45 43.79
C VAL A 498 14.97 16.64 42.81
N GLY A 499 14.16 17.67 43.07
CA GLY A 499 13.04 17.99 42.19
C GLY A 499 13.28 19.24 41.38
N ILE A 500 12.60 19.35 40.24
CA ILE A 500 12.72 20.50 39.35
C ILE A 500 11.37 21.20 39.28
N CYS A 501 11.36 22.51 39.52
CA CYS A 501 10.15 23.31 39.52
C CYS A 501 10.28 24.44 38.51
N GLY A 502 9.16 24.77 37.87
CA GLY A 502 9.15 25.84 36.89
C GLY A 502 7.89 25.77 36.06
N SER A 503 7.87 26.62 35.03
CA SER A 503 6.75 26.71 34.09
C SER A 503 7.17 26.19 32.73
N VAL A 504 6.27 26.31 31.76
CA VAL A 504 6.55 25.85 30.40
C VAL A 504 7.59 26.76 29.77
N GLY A 505 8.63 26.16 29.22
CA GLY A 505 9.71 26.91 28.60
C GLY A 505 10.75 27.44 29.55
N SER A 506 10.64 27.16 30.85
CA SER A 506 11.63 27.65 31.81
C SER A 506 12.95 26.92 31.68
N GLY A 507 12.93 25.69 31.16
CA GLY A 507 14.15 24.93 30.99
C GLY A 507 14.13 23.58 31.68
N LYS A 508 12.96 23.19 32.20
CA LYS A 508 12.84 21.90 32.86
C LYS A 508 13.10 20.76 31.88
N THR A 509 12.55 20.85 30.67
CA THR A 509 12.84 19.85 29.64
C THR A 509 14.24 20.00 29.10
N SER A 510 14.77 21.22 29.10
CA SER A 510 16.14 21.44 28.63
C SER A 510 17.15 20.70 29.49
N LEU A 511 16.95 20.72 30.81
CA LEU A 511 17.86 19.99 31.70
C LEU A 511 17.76 18.48 31.46
N ILE A 512 16.54 17.98 31.22
CA ILE A 512 16.36 16.56 30.95
C ILE A 512 17.07 16.17 29.65
N SER A 513 16.95 17.00 28.62
CA SER A 513 17.64 16.72 27.38
C SER A 513 19.16 16.83 27.53
N ALA A 514 19.62 17.74 28.38
CA ALA A 514 21.06 17.94 28.54
C ALA A 514 21.70 16.79 29.32
N ILE A 515 21.04 16.33 30.38
CA ILE A 515 21.61 15.25 31.19
C ILE A 515 21.70 13.96 30.39
N LEU A 516 20.77 13.75 29.44
CA LEU A 516 20.86 12.60 28.56
C LEU A 516 22.09 12.66 27.67
N GLY A 517 22.40 13.84 27.14
CA GLY A 517 23.56 14.00 26.28
C GLY A 517 23.23 14.54 24.91
N GLN A 518 22.07 15.18 24.78
CA GLN A 518 21.59 15.71 23.51
C GLN A 518 21.99 17.16 23.29
N MET A 519 22.76 17.76 24.21
CA MET A 519 23.16 19.15 24.11
C MET A 519 24.68 19.26 23.99
N THR A 520 25.12 20.28 23.28
CA THR A 520 26.55 20.55 23.12
C THR A 520 27.07 21.42 24.24
N LEU A 521 28.36 21.31 24.51
CA LEU A 521 29.02 22.03 25.59
C LEU A 521 29.84 23.18 25.01
N LEU A 522 29.67 24.37 25.57
CA LEU A 522 30.41 25.55 25.16
C LEU A 522 31.42 26.01 26.19
N GLU A 523 31.01 26.15 27.44
CA GLU A 523 31.89 26.56 28.53
C GLU A 523 31.67 25.67 29.74
N GLY A 524 32.70 25.57 30.58
CA GLY A 524 32.62 24.75 31.76
C GLY A 524 32.78 23.26 31.44
N SER A 525 32.34 22.43 32.38
CA SER A 525 32.43 21.00 32.23
C SER A 525 31.26 20.34 32.94
N ILE A 526 30.93 19.12 32.51
CA ILE A 526 29.83 18.35 33.08
C ILE A 526 30.38 16.99 33.50
N ALA A 527 30.11 16.59 34.73
CA ALA A 527 30.56 15.32 35.28
C ALA A 527 29.36 14.38 35.42
N ILE A 528 29.46 13.20 34.81
CA ILE A 528 28.40 12.21 34.83
C ILE A 528 29.00 10.86 35.20
N SER A 529 28.39 10.20 36.19
CA SER A 529 28.83 8.89 36.64
C SER A 529 27.65 7.93 36.57
N GLY A 530 27.88 6.77 35.96
CA GLY A 530 26.84 5.76 35.85
C GLY A 530 25.83 6.07 34.76
N THR A 531 24.85 5.18 34.65
CA THR A 531 23.77 5.31 33.67
C THR A 531 22.53 5.89 34.32
N PHE A 532 21.49 6.06 33.50
CA PHE A 532 20.24 6.65 33.95
C PHE A 532 19.06 5.74 33.59
N ALA A 533 18.02 5.81 34.40
CA ALA A 533 16.75 5.15 34.10
C ALA A 533 15.76 6.21 33.63
N TYR A 534 15.28 6.04 32.39
CA TYR A 534 14.45 7.04 31.74
C TYR A 534 13.05 6.50 31.52
N VAL A 535 12.04 7.32 31.82
CA VAL A 535 10.65 7.01 31.57
C VAL A 535 10.08 8.07 30.64
N ALA A 536 9.45 7.63 29.55
CA ALA A 536 8.92 8.54 28.55
C ALA A 536 7.55 9.08 28.98
N GLN A 537 7.30 10.34 28.65
CA GLN A 537 6.00 10.94 28.92
C GLN A 537 4.89 10.23 28.14
N GLN A 538 5.16 9.88 26.88
CA GLN A 538 4.20 9.16 26.06
C GLN A 538 4.14 7.67 26.39
N ALA A 539 5.07 7.18 27.22
CA ALA A 539 5.10 5.77 27.64
C ALA A 539 5.21 4.84 26.43
N TRP A 540 6.34 4.97 25.73
CA TRP A 540 6.61 4.12 24.59
C TRP A 540 6.64 2.65 25.03
N ILE A 541 6.03 1.79 24.21
CA ILE A 541 5.93 0.37 24.52
C ILE A 541 6.62 -0.43 23.43
N LEU A 542 6.98 -1.66 23.78
CA LEU A 542 7.64 -2.57 22.85
C LEU A 542 6.64 -3.58 22.31
N ASN A 543 6.85 -4.00 21.06
CA ASN A 543 5.96 -4.95 20.40
C ASN A 543 6.20 -6.36 20.98
N ALA A 544 5.73 -6.53 22.21
CA ALA A 544 5.90 -7.78 22.94
C ALA A 544 4.80 -7.87 23.99
N THR A 545 4.95 -8.81 24.93
CA THR A 545 3.96 -9.01 25.97
C THR A 545 4.36 -8.28 27.26
N LEU A 546 3.57 -8.50 28.31
CA LEU A 546 3.88 -7.90 29.61
C LEU A 546 5.19 -8.41 30.17
N ARG A 547 5.51 -9.69 29.96
CA ARG A 547 6.71 -10.26 30.54
C ARG A 547 7.96 -9.78 29.81
N ASP A 548 7.90 -9.72 28.47
CA ASP A 548 9.10 -9.43 27.70
C ASP A 548 9.56 -7.98 27.87
N ASN A 549 8.63 -7.02 27.75
CA ASN A 549 9.02 -5.61 27.81
C ASN A 549 9.44 -5.17 29.21
N ILE A 550 8.82 -5.71 30.25
CA ILE A 550 9.16 -5.37 31.63
C ILE A 550 10.59 -5.80 31.97
N LEU A 551 10.97 -7.02 31.59
CA LEU A 551 12.34 -7.47 31.84
C LEU A 551 13.34 -6.64 31.06
N PHE A 552 13.02 -6.31 29.81
CA PHE A 552 13.91 -5.53 28.94
C PHE A 552 15.28 -6.19 28.80
N GLY A 553 15.28 -7.52 28.66
CA GLY A 553 16.51 -8.27 28.52
C GLY A 553 17.17 -8.70 29.82
N LYS A 554 16.62 -8.30 30.96
CA LYS A 554 17.19 -8.68 32.25
C LYS A 554 16.72 -10.08 32.65
N GLU A 555 17.42 -10.65 33.63
CA GLU A 555 17.07 -11.97 34.12
C GLU A 555 15.72 -11.94 34.85
N TYR A 556 15.02 -13.08 34.81
CA TYR A 556 13.71 -13.20 35.41
C TYR A 556 13.82 -13.79 36.81
N ASP A 557 13.21 -13.11 37.77
CA ASP A 557 13.16 -13.58 39.15
C ASP A 557 11.74 -13.37 39.68
N GLU A 558 11.30 -14.28 40.56
CA GLU A 558 9.92 -14.28 41.01
C GLU A 558 9.64 -13.17 42.00
N GLU A 559 10.42 -13.10 43.08
CA GLU A 559 10.12 -12.15 44.15
C GLU A 559 10.26 -10.70 43.69
N ARG A 560 11.30 -10.40 42.91
CA ARG A 560 11.48 -9.04 42.41
C ARG A 560 10.34 -8.63 41.49
N TYR A 561 9.92 -9.53 40.59
CA TYR A 561 8.81 -9.23 39.71
C TYR A 561 7.52 -9.02 40.49
N ASN A 562 7.27 -9.85 41.50
CA ASN A 562 6.07 -9.69 42.32
C ASN A 562 6.09 -8.37 43.07
N SER A 563 7.24 -8.00 43.64
CA SER A 563 7.34 -6.73 44.35
C SER A 563 7.14 -5.54 43.42
N VAL A 564 7.72 -5.61 42.22
CA VAL A 564 7.55 -4.54 41.24
C VAL A 564 6.08 -4.41 40.84
N LEU A 565 5.42 -5.55 40.60
CA LEU A 565 4.01 -5.52 40.22
C LEU A 565 3.14 -4.95 41.33
N ASN A 566 3.42 -5.33 42.58
CA ASN A 566 2.62 -4.85 43.70
C ASN A 566 2.88 -3.38 43.99
N SER A 567 4.10 -2.89 43.75
CA SER A 567 4.43 -1.51 44.05
C SER A 567 3.62 -0.55 43.17
N CYS A 568 3.48 -0.87 41.90
CA CYS A 568 2.78 0.00 40.96
C CYS A 568 1.29 -0.32 40.84
N CYS A 569 0.79 -1.26 41.63
CA CYS A 569 -0.63 -1.63 41.64
C CYS A 569 -1.09 -2.09 40.26
N LEU A 570 -0.45 -3.15 39.77
CA LEU A 570 -0.78 -3.74 38.49
C LEU A 570 -1.79 -4.86 38.60
N ARG A 571 -2.30 -5.15 39.80
CA ARG A 571 -3.27 -6.23 39.97
C ARG A 571 -4.56 -6.01 39.19
N PRO A 572 -5.19 -4.83 39.19
CA PRO A 572 -6.39 -4.66 38.34
C PRO A 572 -6.11 -4.88 36.87
N ASP A 573 -4.94 -4.48 36.38
CA ASP A 573 -4.59 -4.71 34.98
C ASP A 573 -4.47 -6.20 34.69
N LEU A 574 -3.86 -6.96 35.60
CA LEU A 574 -3.78 -8.41 35.43
C LEU A 574 -5.15 -9.06 35.48
N ALA A 575 -6.03 -8.58 36.37
CA ALA A 575 -7.36 -9.16 36.50
C ALA A 575 -8.23 -8.86 35.27
N ILE A 576 -8.08 -7.67 34.68
CA ILE A 576 -8.91 -7.31 33.53
C ILE A 576 -8.59 -8.20 32.33
N LEU A 577 -7.30 -8.35 32.02
CA LEU A 577 -6.91 -9.17 30.88
C LEU A 577 -6.89 -10.64 31.27
N PRO A 578 -7.62 -11.50 30.56
CA PRO A 578 -7.60 -12.94 30.90
C PRO A 578 -6.23 -13.57 30.78
N SER A 579 -5.40 -13.08 29.85
CA SER A 579 -4.06 -13.61 29.61
C SER A 579 -3.03 -12.48 29.68
N SER A 580 -3.11 -11.68 30.75
CA SER A 580 -2.24 -10.52 30.88
C SER A 580 -0.77 -10.89 30.87
N ASP A 581 -0.44 -12.10 31.35
CA ASP A 581 0.95 -12.54 31.35
C ASP A 581 1.50 -12.66 29.94
N LEU A 582 0.69 -13.17 29.00
CA LEU A 582 1.12 -13.34 27.61
C LEU A 582 0.27 -12.52 26.64
N THR A 583 -0.23 -11.36 27.07
CA THR A 583 -1.04 -10.53 26.19
C THR A 583 -0.13 -9.71 25.28
N GLU A 584 -0.38 -9.79 23.98
CA GLU A 584 0.43 -9.06 23.02
C GLU A 584 -0.01 -7.60 22.96
N ILE A 585 0.97 -6.70 22.86
CA ILE A 585 0.72 -5.26 22.77
C ILE A 585 1.26 -4.76 21.44
N GLY A 586 0.50 -3.88 20.81
CA GLY A 586 0.91 -3.31 19.54
C GLY A 586 2.04 -2.31 19.70
N GLU A 587 2.33 -1.61 18.60
CA GLU A 587 3.43 -0.66 18.59
C GLU A 587 3.19 0.48 19.57
N ARG A 588 1.97 1.01 19.62
CA ARG A 588 1.63 2.09 20.53
C ARG A 588 0.68 1.70 21.64
N GLY A 589 -0.08 0.62 21.46
CA GLY A 589 -1.02 0.18 22.47
C GLY A 589 -2.47 0.32 22.04
N ALA A 590 -3.11 -0.82 21.74
CA ALA A 590 -4.50 -0.81 21.29
C ALA A 590 -5.50 -1.12 22.39
N ASN A 591 -5.09 -1.85 23.42
CA ASN A 591 -5.96 -2.23 24.54
C ASN A 591 -5.40 -1.75 25.86
N LEU A 592 -4.79 -0.56 25.85
CA LEU A 592 -4.23 0.02 27.06
C LEU A 592 -4.60 1.49 27.14
N SER A 593 -4.68 2.00 28.37
CA SER A 593 -5.01 3.39 28.64
C SER A 593 -3.74 4.14 29.06
N GLY A 594 -3.91 5.45 29.28
CA GLY A 594 -2.77 6.26 29.69
C GLY A 594 -2.22 5.87 31.05
N GLY A 595 -3.12 5.65 32.02
CA GLY A 595 -2.68 5.26 33.35
C GLY A 595 -1.98 3.91 33.37
N GLN A 596 -2.52 2.95 32.62
CA GLN A 596 -1.88 1.64 32.53
C GLN A 596 -0.51 1.73 31.88
N ARG A 597 -0.39 2.54 30.82
CA ARG A 597 0.90 2.73 30.18
C ARG A 597 1.90 3.38 31.13
N GLN A 598 1.47 4.39 31.89
CA GLN A 598 2.35 5.00 32.86
C GLN A 598 2.80 3.98 33.92
N ARG A 599 1.86 3.18 34.43
CA ARG A 599 2.20 2.20 35.45
C ARG A 599 3.19 1.18 34.91
N ILE A 600 2.97 0.72 33.68
CA ILE A 600 3.91 -0.27 33.06
C ILE A 600 5.29 0.39 32.94
N SER A 601 5.32 1.65 32.53
CA SER A 601 6.62 2.39 32.45
C SER A 601 7.36 2.26 33.78
N LEU A 602 6.69 2.63 34.88
CA LEU A 602 7.31 2.50 36.23
C LEU A 602 7.84 1.08 36.40
N ALA A 603 6.97 0.07 36.22
CA ALA A 603 7.37 -1.35 36.39
C ALA A 603 8.66 -1.62 35.62
N ARG A 604 8.70 -1.29 34.33
CA ARG A 604 9.90 -1.54 33.49
C ARG A 604 11.11 -0.82 34.10
N ALA A 605 10.97 0.48 34.37
CA ALA A 605 12.08 1.28 34.94
C ALA A 605 12.54 0.68 36.27
N LEU A 606 11.59 0.26 37.12
CA LEU A 606 11.94 -0.39 38.41
C LEU A 606 12.84 -1.59 38.11
N TYR A 607 12.43 -2.46 37.19
CA TYR A 607 13.21 -3.68 36.86
C TYR A 607 14.59 -3.26 36.35
N SER A 608 14.65 -2.26 35.47
CA SER A 608 15.94 -1.77 34.94
C SER A 608 16.92 -1.58 36.11
N ASP A 609 16.44 -1.06 37.23
CA ASP A 609 17.28 -0.87 38.42
C ASP A 609 18.64 -0.25 38.07
N ARG A 610 18.57 0.98 37.57
CA ARG A 610 19.77 1.77 37.29
C ARG A 610 20.15 2.58 38.53
N SER A 611 21.37 3.11 38.52
CA SER A 611 21.86 3.91 39.64
C SER A 611 21.12 5.24 39.74
N ILE A 612 20.85 5.88 38.61
CA ILE A 612 20.21 7.19 38.56
C ILE A 612 18.84 7.02 37.91
N TYR A 613 17.80 7.56 38.55
CA TYR A 613 16.43 7.49 38.07
C TYR A 613 16.02 8.86 37.57
N ILE A 614 15.52 8.92 36.34
CA ILE A 614 15.03 10.16 35.72
C ILE A 614 13.54 9.98 35.47
N LEU A 615 12.74 10.88 36.03
CA LEU A 615 11.28 10.82 35.92
C LEU A 615 10.81 12.09 35.23
N ASP A 616 10.37 11.96 33.96
CA ASP A 616 9.86 13.09 33.19
C ASP A 616 8.33 13.00 33.18
N ASP A 617 7.73 13.55 34.24
CA ASP A 617 6.29 13.57 34.45
C ASP A 617 5.72 12.15 34.40
N PRO A 618 6.05 11.29 35.38
CA PRO A 618 5.51 9.91 35.35
C PRO A 618 4.08 9.81 35.83
N LEU A 619 3.58 10.79 36.57
CA LEU A 619 2.22 10.77 37.12
C LEU A 619 1.37 11.88 36.53
N SER A 620 1.58 12.18 35.25
CA SER A 620 0.82 13.23 34.58
C SER A 620 -0.60 12.77 34.28
N ALA A 621 -0.72 11.72 33.45
CA ALA A 621 -2.04 11.18 33.12
C ALA A 621 -2.64 10.32 34.23
N LEU A 622 -1.82 9.89 35.18
CA LEU A 622 -2.31 9.06 36.27
C LEU A 622 -3.18 9.88 37.23
N ASP A 623 -4.14 9.20 37.86
CA ASP A 623 -5.02 9.86 38.81
C ASP A 623 -4.25 10.23 40.08
N ALA A 624 -4.82 11.17 40.83
CA ALA A 624 -4.14 11.68 42.02
C ALA A 624 -3.97 10.61 43.08
N HIS A 625 -5.04 9.86 43.37
CA HIS A 625 -4.98 8.88 44.45
C HIS A 625 -3.99 7.76 44.14
N VAL A 626 -4.12 7.14 42.95
CA VAL A 626 -3.23 6.05 42.59
C VAL A 626 -1.81 6.55 42.40
N GLY A 627 -1.65 7.75 41.85
CA GLY A 627 -0.32 8.32 41.69
C GLY A 627 0.37 8.53 43.02
N ASN A 628 -0.34 9.10 43.99
CA ASN A 628 0.21 9.29 45.32
C ASN A 628 0.52 7.96 45.99
N HIS A 629 -0.36 6.97 45.82
CA HIS A 629 -0.11 5.66 46.41
C HIS A 629 1.15 5.03 45.83
N ILE A 630 1.32 5.10 44.51
CA ILE A 630 2.51 4.55 43.87
C ILE A 630 3.75 5.31 44.33
N PHE A 631 3.67 6.64 44.41
CA PHE A 631 4.79 7.44 44.88
C PHE A 631 5.22 7.00 46.27
N ASN A 632 4.27 6.91 47.20
CA ASN A 632 4.60 6.52 48.57
C ASN A 632 5.14 5.10 48.64
N SER A 633 4.57 4.18 47.85
CA SER A 633 4.96 2.78 47.96
C SER A 633 6.32 2.51 47.33
N ALA A 634 6.69 3.25 46.29
CA ALA A 634 7.91 2.96 45.54
C ALA A 634 8.99 4.02 45.71
N ILE A 635 8.69 5.28 45.40
CA ILE A 635 9.73 6.30 45.36
C ILE A 635 10.22 6.62 46.77
N ARG A 636 9.31 6.69 47.74
CA ARG A 636 9.68 6.99 49.11
C ARG A 636 10.22 5.77 49.86
N LYS A 637 10.15 4.57 49.29
CA LYS A 637 10.64 3.36 49.94
C LYS A 637 11.78 2.69 49.18
N HIS A 638 11.59 2.41 47.90
CA HIS A 638 12.60 1.65 47.15
C HIS A 638 13.80 2.52 46.76
N LEU A 639 13.55 3.79 46.43
CA LEU A 639 14.59 4.67 45.90
C LEU A 639 15.15 5.61 46.96
N LYS A 640 15.24 5.15 48.22
CA LYS A 640 15.80 5.97 49.28
C LYS A 640 17.31 6.05 49.24
N SER A 641 17.97 5.12 48.55
CA SER A 641 19.43 5.08 48.48
C SER A 641 19.96 5.30 47.07
N LYS A 642 19.15 5.84 46.17
CA LYS A 642 19.56 6.08 44.79
C LYS A 642 19.15 7.49 44.37
N THR A 643 19.91 8.04 43.43
CA THR A 643 19.61 9.38 42.93
C THR A 643 18.35 9.36 42.08
N VAL A 644 17.44 10.29 42.37
CA VAL A 644 16.17 10.39 41.66
C VAL A 644 15.98 11.83 41.19
N LEU A 645 15.72 12.01 39.90
CA LEU A 645 15.44 13.31 39.32
C LEU A 645 13.95 13.35 38.96
N PHE A 646 13.22 14.31 39.54
CA PHE A 646 11.79 14.42 39.36
C PHE A 646 11.47 15.71 38.63
N VAL A 647 10.75 15.62 37.52
CA VAL A 647 10.27 16.77 36.76
C VAL A 647 8.77 16.58 36.53
N THR A 648 7.98 17.51 37.07
CA THR A 648 6.53 17.41 36.95
C THR A 648 5.92 18.79 37.11
N HIS A 649 4.68 18.93 36.66
CA HIS A 649 3.93 20.17 36.80
C HIS A 649 3.23 20.29 38.14
N GLN A 650 3.16 19.21 38.91
CA GLN A 650 2.52 19.22 40.23
C GLN A 650 3.60 19.43 41.29
N LEU A 651 3.57 20.59 41.93
CA LEU A 651 4.57 20.95 42.93
C LEU A 651 4.20 20.54 44.34
N GLN A 652 3.04 19.89 44.52
CA GLN A 652 2.62 19.45 45.85
C GLN A 652 3.36 18.19 46.31
N TYR A 653 4.10 17.53 45.44
CA TYR A 653 4.85 16.33 45.80
C TYR A 653 6.25 16.64 46.33
N LEU A 654 6.65 17.90 46.36
CA LEU A 654 7.97 18.30 46.81
C LEU A 654 8.01 18.65 48.30
N VAL A 655 6.90 18.48 49.01
CA VAL A 655 6.88 18.78 50.44
C VAL A 655 7.83 17.85 51.19
N ASP A 656 7.80 16.56 50.86
CA ASP A 656 8.66 15.57 51.51
C ASP A 656 9.95 15.32 50.75
N CYS A 657 10.18 16.00 49.63
CA CYS A 657 11.39 15.79 48.86
C CYS A 657 12.59 16.42 49.56
N ASP A 658 13.78 15.89 49.25
CA ASP A 658 14.99 16.34 49.94
C ASP A 658 15.40 17.75 49.51
N GLU A 659 15.39 18.03 48.22
CA GLU A 659 15.88 19.30 47.71
C GLU A 659 14.92 19.85 46.68
N VAL A 660 14.80 21.18 46.62
CA VAL A 660 13.92 21.86 45.69
C VAL A 660 14.75 22.82 44.86
N ILE A 661 14.59 22.73 43.54
CA ILE A 661 15.27 23.62 42.59
C ILE A 661 14.22 24.24 41.67
N PHE A 662 14.25 25.55 41.54
CA PHE A 662 13.31 26.28 40.70
C PHE A 662 14.02 26.75 39.43
N MET A 663 13.40 26.49 38.28
CA MET A 663 13.93 26.89 36.98
C MET A 663 13.12 28.06 36.44
N LYS A 664 13.82 29.10 36.00
CA LYS A 664 13.16 30.29 35.47
C LYS A 664 14.06 30.89 34.39
N GLU A 665 13.63 30.77 33.13
CA GLU A 665 14.33 31.35 31.99
C GLU A 665 15.76 30.82 31.86
N GLY A 666 16.01 29.61 32.36
CA GLY A 666 17.31 29.00 32.26
C GLY A 666 18.33 29.48 33.26
N CYS A 667 17.95 30.35 34.18
CA CYS A 667 18.86 30.89 35.19
C CYS A 667 18.38 30.50 36.58
N ILE A 668 19.29 30.02 37.41
CA ILE A 668 18.96 29.60 38.77
C ILE A 668 18.89 30.85 39.65
N THR A 669 17.76 31.01 40.34
CA THR A 669 17.55 32.14 41.24
C THR A 669 17.43 31.73 42.70
N GLU A 670 16.55 30.77 43.00
CA GLU A 670 16.35 30.30 44.36
C GLU A 670 16.42 28.77 44.38
N ARG A 671 17.09 28.23 45.38
CA ARG A 671 17.19 26.78 45.54
C ARG A 671 17.50 26.47 47.00
N GLY A 672 17.25 25.23 47.37
CA GLY A 672 17.48 24.78 48.73
C GLY A 672 16.45 23.79 49.23
N THR A 673 16.00 23.95 50.46
CA THR A 673 15.01 23.08 51.06
C THR A 673 13.61 23.66 50.89
N HIS A 674 12.61 22.86 51.26
CA HIS A 674 11.21 23.30 51.13
C HIS A 674 10.92 24.47 52.07
N GLU A 675 11.33 24.35 53.33
CA GLU A 675 11.06 25.42 54.29
C GLU A 675 11.80 26.70 53.92
N GLU A 676 13.04 26.58 53.43
CA GLU A 676 13.78 27.77 52.98
C GLU A 676 13.09 28.42 51.80
N LEU A 677 12.59 27.61 50.85
CA LEU A 677 11.88 28.16 49.70
C LEU A 677 10.61 28.88 50.12
N MET A 678 9.87 28.31 51.08
CA MET A 678 8.67 28.97 51.58
C MET A 678 9.02 30.28 52.30
N ASN A 679 10.10 30.27 53.08
CA ASN A 679 10.48 31.47 53.82
C ASN A 679 10.98 32.57 52.89
N LEU A 680 11.64 32.21 51.79
CA LEU A 680 12.17 33.21 50.87
C LEU A 680 11.07 34.01 50.18
N ASN A 681 9.85 33.48 50.12
CA ASN A 681 8.70 34.17 49.50
C ASN A 681 8.99 34.54 48.05
N GLY A 682 9.64 33.64 47.33
CA GLY A 682 9.94 33.84 45.93
C GLY A 682 8.79 33.44 45.03
N ASP A 683 9.12 33.31 43.74
CA ASP A 683 8.10 32.90 42.76
C ASP A 683 7.60 31.49 43.06
N TYR A 684 8.44 30.64 43.67
CA TYR A 684 8.00 29.31 44.03
C TYR A 684 6.86 29.36 45.05
N ALA A 685 6.97 30.26 46.04
CA ALA A 685 5.88 30.42 47.00
C ALA A 685 4.62 30.92 46.31
N THR A 686 4.77 31.85 45.36
CA THR A 686 3.61 32.37 44.64
C THR A 686 2.89 31.27 43.88
N ILE A 687 3.63 30.47 43.12
CA ILE A 687 2.99 29.40 42.35
C ILE A 687 2.44 28.33 43.28
N PHE A 688 3.10 28.08 44.42
CA PHE A 688 2.59 27.09 45.36
C PHE A 688 1.26 27.52 45.94
N ASN A 689 1.15 28.77 46.40
CA ASN A 689 -0.13 29.23 46.94
C ASN A 689 -1.17 29.44 45.84
N ASN A 690 -0.74 29.61 44.58
CA ASN A 690 -1.70 29.66 43.49
C ASN A 690 -2.30 28.29 43.22
N LEU A 691 -1.48 27.24 43.20
CA LEU A 691 -1.99 25.90 42.97
C LEU A 691 -2.70 25.33 44.19
N LEU A 692 -2.41 25.87 45.38
CA LEU A 692 -3.09 25.40 46.59
C LEU A 692 -4.59 25.68 46.53
N LEU A 693 -4.97 26.85 46.04
CA LEU A 693 -6.38 27.21 45.92
C LEU A 693 -7.08 26.40 44.84
N SER A 747 -5.20 -20.61 -6.20
CA SER A 747 -5.91 -21.18 -7.33
C SER A 747 -7.40 -20.85 -7.26
N VAL A 748 -7.92 -20.29 -8.35
CA VAL A 748 -9.33 -19.92 -8.43
C VAL A 748 -10.03 -20.87 -9.40
N PRO A 749 -11.31 -21.16 -9.18
CA PRO A 749 -12.03 -22.05 -10.11
C PRO A 749 -12.43 -21.33 -11.38
N TRP A 750 -12.96 -22.11 -12.33
CA TRP A 750 -13.42 -21.56 -13.60
C TRP A 750 -14.67 -20.71 -13.46
N SER A 751 -15.33 -20.74 -12.30
CA SER A 751 -16.51 -19.91 -12.08
C SER A 751 -16.17 -18.43 -12.16
N VAL A 752 -15.02 -18.04 -11.61
CA VAL A 752 -14.60 -16.64 -11.68
C VAL A 752 -14.36 -16.22 -13.12
N TYR A 753 -13.70 -17.09 -13.91
CA TYR A 753 -13.47 -16.78 -15.32
C TYR A 753 -14.78 -16.65 -16.07
N GLY A 754 -15.74 -17.56 -15.81
CA GLY A 754 -17.04 -17.46 -16.46
C GLY A 754 -17.78 -16.21 -16.09
N VAL A 755 -17.73 -15.82 -14.81
CA VAL A 755 -18.39 -14.60 -14.37
C VAL A 755 -17.77 -13.38 -15.04
N TYR A 756 -16.43 -13.35 -15.12
CA TYR A 756 -15.76 -12.23 -15.79
C TYR A 756 -16.12 -12.17 -17.26
N ILE A 757 -16.18 -13.32 -17.93
CA ILE A 757 -16.55 -13.36 -19.34
C ILE A 757 -17.97 -12.85 -19.53
N GLN A 758 -18.89 -13.29 -18.67
CA GLN A 758 -20.28 -12.83 -18.77
C GLN A 758 -20.38 -11.32 -18.54
N ALA A 759 -19.65 -10.80 -17.54
CA ALA A 759 -19.66 -9.38 -17.27
C ALA A 759 -19.00 -8.57 -18.38
N ALA A 760 -18.08 -9.17 -19.14
CA ALA A 760 -17.44 -8.48 -20.25
C ALA A 760 -18.38 -8.20 -21.40
N GLY A 761 -19.58 -8.80 -21.41
CA GLY A 761 -20.51 -8.61 -22.49
C GLY A 761 -20.98 -9.93 -23.07
N GLY A 762 -20.80 -11.00 -22.32
CA GLY A 762 -21.16 -12.32 -22.77
C GLY A 762 -20.07 -12.94 -23.63
N PRO A 763 -20.34 -14.11 -24.20
CA PRO A 763 -19.33 -14.75 -25.07
C PRO A 763 -19.04 -13.96 -26.33
N LEU A 764 -19.93 -13.05 -26.74
CA LEU A 764 -19.70 -12.30 -27.97
C LEU A 764 -18.47 -11.41 -27.85
N ALA A 765 -18.30 -10.73 -26.73
CA ALA A 765 -17.13 -9.87 -26.55
C ALA A 765 -15.84 -10.67 -26.53
N PHE A 766 -15.85 -11.82 -25.84
CA PHE A 766 -14.67 -12.68 -25.80
C PHE A 766 -14.32 -13.18 -27.20
N LEU A 767 -15.33 -13.61 -27.95
CA LEU A 767 -15.09 -14.07 -29.31
C LEU A 767 -14.56 -12.96 -30.20
N VAL A 768 -15.10 -11.75 -30.06
CA VAL A 768 -14.62 -10.62 -30.86
C VAL A 768 -13.17 -10.30 -30.53
N ILE A 769 -12.83 -10.29 -29.24
CA ILE A 769 -11.45 -9.99 -28.84
C ILE A 769 -10.50 -11.05 -29.39
N MET A 770 -10.87 -12.33 -29.24
CA MET A 770 -10.03 -13.40 -29.76
C MET A 770 -9.89 -13.32 -31.28
N ALA A 771 -10.98 -13.02 -31.97
CA ALA A 771 -10.94 -12.90 -33.42
C ALA A 771 -10.02 -11.75 -33.85
N LEU A 772 -10.09 -10.62 -33.16
CA LEU A 772 -9.23 -9.49 -33.51
C LEU A 772 -7.76 -9.81 -33.25
N PHE A 773 -7.47 -10.46 -32.11
CA PHE A 773 -6.09 -10.84 -31.81
C PHE A 773 -5.55 -11.81 -32.86
N MET A 774 -6.34 -12.82 -33.20
CA MET A 774 -5.93 -13.78 -34.22
C MET A 774 -5.79 -13.11 -35.57
N LEU A 775 -6.65 -12.12 -35.87
CA LEU A 775 -6.55 -11.41 -37.14
C LEU A 775 -5.25 -10.62 -37.22
N ASN A 776 -4.86 -9.96 -36.13
CA ASN A 776 -3.59 -9.22 -36.13
C ASN A 776 -2.40 -10.17 -36.29
N VAL A 777 -2.39 -11.26 -35.51
CA VAL A 777 -1.27 -12.19 -35.58
C VAL A 777 -1.20 -12.84 -36.95
N GLY A 778 -2.35 -13.23 -37.51
CA GLY A 778 -2.41 -13.79 -38.84
C GLY A 778 -2.03 -12.80 -39.94
N SER A 779 -2.33 -11.52 -39.76
CA SER A 779 -1.87 -10.51 -40.71
C SER A 779 -0.36 -10.40 -40.71
N THR A 780 0.25 -10.40 -39.51
CA THR A 780 1.71 -10.39 -39.44
C THR A 780 2.30 -11.64 -40.09
N ALA A 781 1.74 -12.80 -39.77
CA ALA A 781 2.23 -14.05 -40.34
C ALA A 781 2.03 -14.10 -41.85
N PHE A 782 0.94 -13.51 -42.33
CA PHE A 782 0.68 -13.48 -43.77
C PHE A 782 1.62 -12.53 -44.48
N SER A 783 1.99 -11.42 -43.84
CA SER A 783 3.00 -10.55 -44.42
C SER A 783 4.34 -11.27 -44.53
N THR A 784 4.72 -11.99 -43.47
CA THR A 784 5.97 -12.75 -43.51
C THR A 784 5.92 -13.84 -44.58
N TRP A 785 4.79 -14.55 -44.67
CA TRP A 785 4.63 -15.61 -45.67
C TRP A 785 4.62 -15.05 -47.08
N TRP A 786 4.04 -13.86 -47.28
CA TRP A 786 4.07 -13.23 -48.60
C TRP A 786 5.49 -12.81 -48.96
N LEU A 787 6.26 -12.33 -47.99
CA LEU A 787 7.67 -12.06 -48.24
C LEU A 787 8.41 -13.32 -48.67
N SER A 788 8.17 -14.42 -47.97
CA SER A 788 8.80 -15.70 -48.33
C SER A 788 8.37 -16.15 -49.72
N TYR A 789 7.08 -16.00 -50.04
CA TYR A 789 6.57 -16.38 -51.35
C TYR A 789 7.21 -15.53 -52.44
N TRP A 790 7.35 -14.22 -52.20
CA TRP A 790 7.99 -13.33 -53.16
C TRP A 790 9.45 -13.72 -53.38
N ILE A 791 10.16 -14.08 -52.30
CA ILE A 791 11.54 -14.53 -52.44
C ILE A 791 11.59 -15.82 -53.25
N LYS A 792 10.68 -16.76 -52.97
CA LYS A 792 10.69 -18.05 -53.65
C LYS A 792 10.33 -17.92 -55.13
N GLN A 793 9.51 -16.92 -55.48
CA GLN A 793 9.01 -16.81 -56.85
C GLN A 793 10.15 -16.65 -57.86
N GLY A 794 11.10 -15.78 -57.56
CA GLY A 794 12.18 -15.55 -58.51
C GLY A 794 11.69 -14.93 -59.80
N SER A 795 12.32 -15.35 -60.90
CA SER A 795 11.97 -14.84 -62.23
C SER A 795 10.66 -15.40 -62.76
N GLY A 796 10.19 -16.53 -62.22
CA GLY A 796 8.95 -17.13 -62.69
C GLY A 796 9.02 -17.66 -64.11
N ASN A 797 10.13 -18.31 -64.47
CA ASN A 797 10.34 -18.89 -65.79
C ASN A 797 10.18 -17.84 -66.90
N THR A 798 11.04 -16.83 -66.85
CA THR A 798 11.08 -15.77 -67.84
C THR A 798 12.43 -15.77 -68.52
N THR A 799 12.43 -15.79 -69.85
CA THR A 799 13.65 -15.82 -70.64
C THR A 799 14.21 -14.41 -70.78
N VAL A 800 15.50 -14.26 -70.46
CA VAL A 800 16.18 -12.98 -70.56
C VAL A 800 17.50 -13.19 -71.29
N THR A 801 18.02 -12.09 -71.85
CA THR A 801 19.28 -12.11 -72.59
C THR A 801 20.40 -11.62 -71.69
N ARG A 802 21.44 -12.45 -71.53
CA ARG A 802 22.59 -12.11 -70.70
C ARG A 802 23.88 -12.09 -71.49
N GLY A 803 23.82 -12.19 -72.82
CA GLY A 803 25.01 -12.20 -73.64
C GLY A 803 24.74 -12.64 -75.07
N ASN A 804 25.58 -13.55 -75.57
CA ASN A 804 25.41 -14.07 -76.92
C ASN A 804 24.34 -15.15 -77.02
N GLU A 805 23.83 -15.63 -75.88
CA GLU A 805 22.81 -16.66 -75.87
C GLU A 805 21.70 -16.26 -74.91
N THR A 806 20.50 -16.77 -75.16
CA THR A 806 19.33 -16.48 -74.35
C THR A 806 18.92 -17.74 -73.58
N SER A 807 18.75 -17.59 -72.27
CA SER A 807 18.38 -18.71 -71.42
C SER A 807 17.68 -18.18 -70.18
N VAL A 808 16.97 -19.07 -69.50
CA VAL A 808 16.24 -18.69 -68.29
C VAL A 808 17.24 -18.42 -67.17
N SER A 809 17.08 -17.29 -66.49
CA SER A 809 17.94 -16.89 -65.38
C SER A 809 17.09 -16.74 -64.12
N ASP A 810 17.60 -17.27 -63.01
CA ASP A 810 16.89 -17.22 -61.73
C ASP A 810 17.25 -15.92 -61.03
N SER A 811 16.51 -14.86 -61.36
CA SER A 811 16.73 -13.55 -60.76
C SER A 811 15.38 -12.92 -60.45
N MET A 812 15.25 -12.37 -59.24
CA MET A 812 14.00 -11.75 -58.83
C MET A 812 13.77 -10.40 -59.50
N LYS A 813 14.83 -9.77 -60.03
CA LYS A 813 14.68 -8.48 -60.67
C LYS A 813 14.03 -8.55 -62.04
N ASP A 814 13.88 -9.75 -62.60
CA ASP A 814 13.27 -9.92 -63.91
C ASP A 814 11.77 -10.17 -63.84
N ASN A 815 11.18 -10.17 -62.65
CA ASN A 815 9.75 -10.39 -62.51
C ASN A 815 8.98 -9.15 -62.95
N PRO A 816 8.07 -9.26 -63.91
CA PRO A 816 7.31 -8.09 -64.37
C PRO A 816 6.23 -7.63 -63.40
N HIS A 817 6.01 -8.33 -62.30
CA HIS A 817 4.98 -8.00 -61.32
C HIS A 817 5.59 -7.34 -60.08
N MET A 818 6.62 -6.51 -60.29
CA MET A 818 7.31 -5.89 -59.16
C MET A 818 6.37 -5.01 -58.36
N GLN A 819 5.67 -4.09 -59.05
CA GLN A 819 4.77 -3.17 -58.38
C GLN A 819 3.61 -3.89 -57.71
N TYR A 820 3.12 -4.96 -58.32
CA TYR A 820 2.03 -5.73 -57.73
C TYR A 820 2.43 -6.29 -56.36
N TYR A 821 3.58 -6.96 -56.31
CA TYR A 821 4.07 -7.51 -55.04
C TYR A 821 4.37 -6.40 -54.03
N ALA A 822 4.97 -5.31 -54.48
CA ALA A 822 5.28 -4.21 -53.56
C ALA A 822 4.01 -3.61 -52.96
N SER A 823 2.99 -3.39 -53.79
CA SER A 823 1.74 -2.83 -53.31
C SER A 823 1.04 -3.80 -52.36
N ILE A 824 1.05 -5.09 -52.67
CA ILE A 824 0.43 -6.06 -51.78
C ILE A 824 1.15 -6.08 -50.43
N TYR A 825 2.48 -6.01 -50.45
CA TYR A 825 3.26 -6.04 -49.21
C TYR A 825 2.97 -4.81 -48.37
N ALA A 826 2.95 -3.63 -48.99
CA ALA A 826 2.64 -2.40 -48.25
C ALA A 826 1.22 -2.42 -47.70
N LEU A 827 0.26 -2.89 -48.50
CA LEU A 827 -1.12 -2.97 -48.04
C LEU A 827 -1.24 -3.94 -46.87
N SER A 828 -0.52 -5.06 -46.93
CA SER A 828 -0.54 -6.02 -45.82
C SER A 828 0.01 -5.39 -44.55
N MET A 829 1.12 -4.65 -44.67
CA MET A 829 1.67 -3.98 -43.49
C MET A 829 0.68 -2.97 -42.91
N ALA A 830 0.06 -2.16 -43.77
CA ALA A 830 -0.90 -1.17 -43.30
C ALA A 830 -2.11 -1.84 -42.65
N VAL A 831 -2.60 -2.93 -43.25
CA VAL A 831 -3.73 -3.66 -42.69
C VAL A 831 -3.38 -4.25 -41.34
N MET A 832 -2.16 -4.77 -41.20
CA MET A 832 -1.72 -5.32 -39.91
C MET A 832 -1.70 -4.22 -38.85
N LEU A 833 -1.16 -3.05 -39.19
CA LEU A 833 -1.12 -1.96 -38.22
C LEU A 833 -2.52 -1.52 -37.82
N ILE A 834 -3.42 -1.37 -38.81
CA ILE A 834 -4.78 -0.94 -38.52
C ILE A 834 -5.49 -1.97 -37.65
N LEU A 835 -5.32 -3.25 -37.96
CA LEU A 835 -5.95 -4.31 -37.18
C LEU A 835 -5.41 -4.34 -35.76
N LYS A 836 -4.10 -4.13 -35.58
CA LYS A 836 -3.54 -4.09 -34.25
C LYS A 836 -4.12 -2.94 -33.44
N ALA A 837 -4.21 -1.76 -34.04
CA ALA A 837 -4.78 -0.61 -33.34
C ALA A 837 -6.24 -0.86 -32.98
N ILE A 838 -7.01 -1.41 -33.92
CA ILE A 838 -8.42 -1.69 -33.67
C ILE A 838 -8.58 -2.71 -32.56
N ARG A 839 -7.76 -3.77 -32.58
CA ARG A 839 -7.83 -4.80 -31.55
C ARG A 839 -7.51 -4.22 -30.17
N GLY A 840 -6.47 -3.39 -30.09
CA GLY A 840 -6.14 -2.76 -28.82
C GLY A 840 -7.27 -1.89 -28.30
N VAL A 841 -7.84 -1.06 -29.18
CA VAL A 841 -8.92 -0.17 -28.77
C VAL A 841 -10.13 -0.98 -28.31
N VAL A 842 -10.49 -2.02 -29.06
CA VAL A 842 -11.64 -2.83 -28.71
C VAL A 842 -11.42 -3.56 -27.39
N PHE A 843 -10.22 -4.09 -27.18
CA PHE A 843 -9.94 -4.77 -25.91
C PHE A 843 -10.03 -3.81 -24.74
N VAL A 844 -9.48 -2.61 -24.89
CA VAL A 844 -9.54 -1.61 -23.82
C VAL A 844 -10.98 -1.25 -23.53
N LYS A 845 -11.78 -1.01 -24.59
CA LYS A 845 -13.17 -0.66 -24.40
C LYS A 845 -13.94 -1.79 -23.71
N GLY A 846 -13.69 -3.03 -24.11
CA GLY A 846 -14.40 -4.15 -23.50
C GLY A 846 -14.06 -4.34 -22.03
N THR A 847 -12.76 -4.28 -21.70
CA THR A 847 -12.38 -4.46 -20.30
C THR A 847 -12.88 -3.31 -19.44
N LEU A 848 -12.90 -2.08 -19.98
CA LEU A 848 -13.41 -0.96 -19.20
C LEU A 848 -14.93 -1.04 -19.05
N ARG A 849 -15.64 -1.52 -20.07
CA ARG A 849 -17.07 -1.74 -19.93
C ARG A 849 -17.37 -2.80 -18.88
N ALA A 850 -16.57 -3.87 -18.85
CA ALA A 850 -16.74 -4.89 -17.82
C ALA A 850 -16.48 -4.31 -16.43
N SER A 851 -15.43 -3.49 -16.29
CA SER A 851 -15.14 -2.87 -15.01
C SER A 851 -16.27 -1.95 -14.57
N SER A 852 -16.83 -1.16 -15.50
CA SER A 852 -17.93 -0.28 -15.17
C SER A 852 -19.17 -1.06 -14.77
N ARG A 853 -19.46 -2.16 -15.48
CA ARG A 853 -20.60 -3.00 -15.13
C ARG A 853 -20.43 -3.56 -13.72
N LEU A 854 -19.23 -4.04 -13.40
CA LEU A 854 -18.96 -4.54 -12.06
C LEU A 854 -19.11 -3.44 -11.02
N HIS A 855 -18.64 -2.24 -11.33
CA HIS A 855 -18.75 -1.12 -10.39
C HIS A 855 -20.21 -0.80 -10.09
N ASP A 856 -21.02 -0.65 -11.14
CA ASP A 856 -22.43 -0.33 -10.94
C ASP A 856 -23.16 -1.43 -10.19
N GLU A 857 -22.87 -2.70 -10.53
CA GLU A 857 -23.53 -3.80 -9.84
C GLU A 857 -23.16 -3.84 -8.37
N LEU A 858 -21.88 -3.66 -8.04
CA LEU A 858 -21.45 -3.69 -6.66
C LEU A 858 -22.01 -2.50 -5.88
N PHE A 859 -22.07 -1.32 -6.51
CA PHE A 859 -22.64 -0.16 -5.85
C PHE A 859 -24.13 -0.34 -5.59
N ARG A 860 -24.85 -0.92 -6.55
CA ARG A 860 -26.28 -1.15 -6.36
C ARG A 860 -26.54 -2.19 -5.28
N ARG A 861 -25.72 -3.24 -5.24
CA ARG A 861 -25.93 -4.30 -4.25
C ARG A 861 -25.73 -3.77 -2.83
N ILE A 862 -24.67 -3.01 -2.60
CA ILE A 862 -24.37 -2.52 -1.26
C ILE A 862 -25.38 -1.46 -0.83
N LEU A 863 -25.71 -0.53 -1.73
CA LEU A 863 -26.56 0.60 -1.37
C LEU A 863 -28.00 0.17 -1.08
N ARG A 864 -28.41 -1.01 -1.52
CA ARG A 864 -29.77 -1.49 -1.29
C ARG A 864 -29.85 -2.58 -0.24
N SER A 865 -28.72 -3.15 0.17
CA SER A 865 -28.73 -4.19 1.18
C SER A 865 -29.06 -3.60 2.55
N PRO A 866 -29.64 -4.40 3.45
CA PRO A 866 -29.92 -3.90 4.80
C PRO A 866 -28.65 -3.58 5.56
N MET A 867 -28.76 -2.63 6.49
CA MET A 867 -27.63 -2.17 7.29
C MET A 867 -27.15 -3.19 8.31
N LYS A 868 -27.86 -4.31 8.48
CA LYS A 868 -27.36 -5.38 9.35
C LYS A 868 -25.99 -5.86 8.90
N PHE A 869 -25.72 -5.86 7.59
CA PHE A 869 -24.39 -6.18 7.10
C PHE A 869 -23.37 -5.15 7.59
N PHE A 870 -23.73 -3.87 7.59
CA PHE A 870 -22.84 -2.84 8.10
C PHE A 870 -22.59 -3.01 9.60
N ASP A 871 -23.62 -3.39 10.35
CA ASP A 871 -23.45 -3.61 11.78
C ASP A 871 -22.56 -4.82 12.06
N THR A 872 -22.75 -5.90 11.30
CA THR A 872 -21.95 -7.10 11.51
C THR A 872 -20.51 -6.93 11.05
N THR A 873 -20.30 -6.33 9.88
CA THR A 873 -18.98 -6.14 9.31
C THR A 873 -18.65 -4.65 9.24
N PRO A 874 -17.54 -4.22 9.83
CA PRO A 874 -17.21 -2.79 9.85
C PRO A 874 -16.99 -2.24 8.46
N THR A 875 -17.28 -0.95 8.30
CA THR A 875 -17.13 -0.29 7.01
C THR A 875 -15.68 -0.26 6.53
N GLY A 876 -14.71 -0.41 7.45
CA GLY A 876 -13.32 -0.44 7.03
C GLY A 876 -13.01 -1.60 6.12
N ARG A 877 -13.60 -2.76 6.38
CA ARG A 877 -13.35 -3.93 5.54
C ARG A 877 -13.81 -3.71 4.10
N ILE A 878 -15.06 -3.26 3.94
CA ILE A 878 -15.59 -3.04 2.60
C ILE A 878 -14.87 -1.88 1.91
N LEU A 879 -14.50 -0.85 2.68
CA LEU A 879 -13.74 0.26 2.10
C LEU A 879 -12.40 -0.21 1.57
N ASN A 880 -11.68 -1.01 2.36
CA ASN A 880 -10.39 -1.54 1.90
C ASN A 880 -10.56 -2.45 0.70
N ARG A 881 -11.60 -3.30 0.72
CA ARG A 881 -11.88 -4.16 -0.42
C ARG A 881 -12.09 -3.34 -1.68
N PHE A 882 -13.00 -2.37 -1.61
CA PHE A 882 -13.24 -1.47 -2.74
C PHE A 882 -11.95 -0.87 -3.25
N SER A 883 -11.25 -0.14 -2.37
CA SER A 883 -10.05 0.59 -2.77
C SER A 883 -9.03 -0.34 -3.41
N LYS A 884 -8.54 -1.32 -2.65
CA LYS A 884 -7.45 -2.16 -3.11
C LYS A 884 -7.85 -2.96 -4.35
N ASP A 885 -8.99 -3.65 -4.30
CA ASP A 885 -9.40 -4.48 -5.41
C ASP A 885 -9.59 -3.67 -6.68
N MET A 886 -10.29 -2.52 -6.59
CA MET A 886 -10.56 -1.74 -7.79
C MET A 886 -9.29 -1.15 -8.37
N ASP A 887 -8.41 -0.60 -7.52
CA ASP A 887 -7.16 -0.06 -8.04
C ASP A 887 -6.34 -1.15 -8.70
N GLU A 888 -6.22 -2.31 -8.05
CA GLU A 888 -5.40 -3.38 -8.58
C GLU A 888 -5.96 -3.88 -9.91
N VAL A 889 -7.27 -4.10 -10.00
CA VAL A 889 -7.84 -4.63 -11.25
C VAL A 889 -7.69 -3.61 -12.37
N ASP A 890 -8.07 -2.35 -12.11
CA ASP A 890 -8.03 -1.33 -13.16
C ASP A 890 -6.62 -1.01 -13.58
N VAL A 891 -5.62 -1.31 -12.74
CA VAL A 891 -4.24 -1.04 -13.11
C VAL A 891 -3.62 -2.23 -13.84
N ARG A 892 -3.93 -3.46 -13.43
CA ARG A 892 -3.18 -4.62 -13.92
C ARG A 892 -3.96 -5.54 -14.84
N LEU A 893 -5.24 -5.83 -14.55
CA LEU A 893 -5.91 -6.95 -15.22
C LEU A 893 -5.98 -6.80 -16.73
N PRO A 894 -6.38 -5.67 -17.31
CA PRO A 894 -6.33 -5.57 -18.78
C PRO A 894 -4.93 -5.76 -19.34
N PHE A 895 -3.92 -5.21 -18.66
CA PHE A 895 -2.54 -5.33 -19.15
C PHE A 895 -2.08 -6.77 -19.15
N GLN A 896 -2.24 -7.46 -18.02
CA GLN A 896 -1.82 -8.86 -17.92
C GLN A 896 -2.61 -9.73 -18.89
N ALA A 897 -3.92 -9.51 -19.00
CA ALA A 897 -4.74 -10.31 -19.92
C ALA A 897 -4.29 -10.12 -21.36
N GLU A 898 -4.07 -8.87 -21.78
CA GLU A 898 -3.63 -8.61 -23.14
C GLU A 898 -2.27 -9.24 -23.41
N MET A 899 -1.34 -9.09 -22.47
CA MET A 899 0.00 -9.66 -22.65
C MET A 899 -0.06 -11.17 -22.75
N PHE A 900 -0.84 -11.81 -21.87
CA PHE A 900 -0.93 -13.27 -21.87
C PHE A 900 -1.56 -13.78 -23.16
N ILE A 901 -2.64 -13.12 -23.60
CA ILE A 901 -3.30 -13.53 -24.83
C ILE A 901 -2.36 -13.39 -26.02
N GLN A 902 -1.67 -12.25 -26.10
CA GLN A 902 -0.74 -12.03 -27.22
C GLN A 902 0.38 -13.07 -27.21
N ASN A 903 0.96 -13.34 -26.04
CA ASN A 903 2.04 -14.32 -25.97
C ASN A 903 1.55 -15.72 -26.35
N VAL A 904 0.37 -16.12 -25.86
CA VAL A 904 -0.15 -17.44 -26.15
C VAL A 904 -0.43 -17.59 -27.65
N ILE A 905 -1.05 -16.58 -28.26
CA ILE A 905 -1.40 -16.67 -29.68
C ILE A 905 -0.13 -16.64 -30.53
N LEU A 906 0.86 -15.83 -30.13
CA LEU A 906 2.12 -15.81 -30.87
C LEU A 906 2.82 -17.15 -30.79
N VAL A 907 2.84 -17.78 -29.61
CA VAL A 907 3.46 -19.09 -29.47
C VAL A 907 2.73 -20.12 -30.32
N PHE A 908 1.38 -20.09 -30.30
CA PHE A 908 0.61 -21.04 -31.09
C PHE A 908 0.87 -20.86 -32.58
N PHE A 909 0.92 -19.62 -33.06
CA PHE A 909 1.19 -19.37 -34.47
C PHE A 909 2.60 -19.81 -34.85
N CYS A 910 3.57 -19.55 -33.98
CA CYS A 910 4.94 -19.96 -34.27
C CYS A 910 5.05 -21.49 -34.34
N VAL A 911 4.36 -22.19 -33.44
CA VAL A 911 4.36 -23.65 -33.48
C VAL A 911 3.68 -24.16 -34.74
N GLY A 912 2.54 -23.55 -35.10
CA GLY A 912 1.81 -24.02 -36.26
C GLY A 912 2.53 -23.80 -37.57
N MET A 913 3.17 -22.64 -37.74
CA MET A 913 3.85 -22.34 -38.99
C MET A 913 5.03 -23.28 -39.22
N ILE A 914 5.80 -23.58 -38.16
CA ILE A 914 6.87 -24.56 -38.29
C ILE A 914 6.30 -25.94 -38.57
N ALA A 915 5.21 -26.30 -37.88
CA ALA A 915 4.56 -27.58 -38.15
C ALA A 915 3.86 -27.58 -39.50
N GLY A 916 3.45 -26.41 -39.99
CA GLY A 916 2.82 -26.35 -41.30
C GLY A 916 3.76 -26.72 -42.43
N VAL A 917 4.99 -26.21 -42.39
CA VAL A 917 5.97 -26.55 -43.41
C VAL A 917 6.42 -28.00 -43.26
N PHE A 918 6.68 -28.43 -42.02
CA PHE A 918 7.13 -29.80 -41.74
C PHE A 918 6.05 -30.52 -40.94
N PRO A 919 5.29 -31.41 -41.58
CA PRO A 919 4.25 -32.15 -40.84
C PRO A 919 4.79 -33.05 -39.74
N TRP A 920 6.08 -33.40 -39.80
CA TRP A 920 6.69 -34.29 -38.82
C TRP A 920 7.17 -33.56 -37.58
N PHE A 921 6.94 -32.25 -37.49
CA PHE A 921 7.40 -31.48 -36.34
C PHE A 921 6.63 -31.79 -35.06
N LEU A 922 5.45 -32.40 -35.18
CA LEU A 922 4.64 -32.68 -34.00
C LEU A 922 5.19 -33.85 -33.17
N VAL A 923 5.87 -34.80 -33.81
CA VAL A 923 6.39 -35.96 -33.09
C VAL A 923 7.45 -35.57 -32.07
N ALA A 924 8.07 -34.41 -32.22
CA ALA A 924 8.98 -33.90 -31.21
C ALA A 924 8.32 -32.85 -30.32
N VAL A 925 7.29 -32.15 -30.83
CA VAL A 925 6.57 -31.18 -30.03
C VAL A 925 5.84 -31.87 -28.88
N GLY A 926 5.20 -33.01 -29.17
CA GLY A 926 4.43 -33.74 -28.19
C GLY A 926 5.20 -34.08 -26.92
N PRO A 927 6.30 -34.84 -27.06
CA PRO A 927 7.15 -35.10 -25.88
C PRO A 927 7.63 -33.81 -25.22
N LEU A 928 7.98 -32.81 -26.01
CA LEU A 928 8.37 -31.53 -25.43
C LEU A 928 7.19 -30.86 -24.72
N VAL A 929 5.98 -31.01 -25.26
CA VAL A 929 4.80 -30.42 -24.62
C VAL A 929 4.56 -31.07 -23.26
N ILE A 930 4.60 -32.40 -23.17
CA ILE A 930 4.35 -33.06 -21.90
C ILE A 930 5.49 -32.77 -20.91
N LEU A 931 6.73 -32.68 -21.42
CA LEU A 931 7.83 -32.31 -20.55
C LEU A 931 7.65 -30.91 -19.98
N PHE A 932 7.22 -29.96 -20.82
CA PHE A 932 6.96 -28.60 -20.35
C PHE A 932 5.83 -28.57 -19.33
N SER A 933 4.77 -29.36 -19.57
CA SER A 933 3.67 -29.42 -18.61
C SER A 933 4.14 -29.99 -17.27
N VAL A 934 4.97 -31.03 -17.31
CA VAL A 934 5.50 -31.61 -16.07
C VAL A 934 6.38 -30.60 -15.34
N LEU A 935 7.22 -29.88 -16.08
CA LEU A 935 8.06 -28.85 -15.46
C LEU A 935 7.21 -27.75 -14.82
N HIS A 936 6.15 -27.33 -15.50
CA HIS A 936 5.27 -26.30 -14.94
C HIS A 936 4.55 -26.81 -13.69
N ILE A 937 4.15 -28.08 -13.70
CA ILE A 937 3.45 -28.63 -12.54
C ILE A 937 4.36 -28.63 -11.32
N VAL A 938 5.61 -29.05 -11.50
CA VAL A 938 6.56 -29.09 -10.38
C VAL A 938 6.90 -27.68 -9.92
N SER A 939 7.14 -26.77 -10.87
CA SER A 939 7.57 -25.41 -10.55
C SER A 939 6.46 -24.58 -9.90
N ARG A 940 5.20 -24.82 -10.23
CA ARG A 940 4.10 -24.03 -9.70
C ARG A 940 3.91 -24.18 -8.19
N VAL A 941 4.47 -25.24 -7.60
CA VAL A 941 4.36 -25.45 -6.15
C VAL A 941 5.46 -24.73 -5.37
N LEU A 942 6.72 -24.95 -5.71
CA LEU A 942 7.84 -24.32 -5.03
C LEU A 942 7.88 -22.80 -5.18
N ILE A 943 7.61 -22.30 -6.39
CA ILE A 943 7.70 -20.86 -6.63
C ILE A 943 6.64 -20.12 -5.81
N ARG A 944 5.41 -20.63 -5.81
CA ARG A 944 4.34 -19.98 -5.07
C ARG A 944 4.48 -20.14 -3.56
N GLU A 945 5.27 -21.11 -3.11
CA GLU A 945 5.45 -21.31 -1.68
C GLU A 945 6.54 -20.41 -1.11
N LEU A 946 7.62 -20.20 -1.85
CA LEU A 946 8.70 -19.35 -1.37
C LEU A 946 8.27 -17.89 -1.28
N LYS A 947 7.37 -17.46 -2.16
CA LYS A 947 6.86 -16.09 -2.10
C LYS A 947 6.11 -15.85 -0.80
N ARG A 948 5.29 -16.81 -0.38
CA ARG A 948 4.57 -16.67 0.88
C ARG A 948 5.53 -16.60 2.07
N LEU A 949 6.56 -17.45 2.07
CA LEU A 949 7.53 -17.44 3.15
C LEU A 949 8.31 -16.13 3.21
N ASP A 950 8.48 -15.47 2.06
CA ASP A 950 9.19 -14.19 2.05
C ASP A 950 8.44 -13.13 2.85
N ASN A 951 7.12 -13.08 2.71
CA ASN A 951 6.32 -12.10 3.44
C ASN A 951 5.98 -12.56 4.85
N ILE A 952 6.24 -13.82 5.19
CA ILE A 952 5.96 -14.31 6.54
C ILE A 952 6.83 -13.59 7.56
N THR A 953 8.13 -13.48 7.27
CA THR A 953 9.06 -12.79 8.16
C THR A 953 9.13 -11.29 7.90
N GLN A 954 8.46 -10.80 6.86
CA GLN A 954 8.47 -9.36 6.60
C GLN A 954 7.67 -8.59 7.64
N SER A 955 6.56 -9.16 8.11
CA SER A 955 5.77 -8.48 9.14
C SER A 955 6.54 -8.26 10.43
N PRO A 956 7.24 -9.25 11.00
CA PRO A 956 8.11 -8.93 12.15
C PRO A 956 9.20 -7.93 11.82
N PHE A 957 9.73 -7.96 10.60
CA PHE A 957 10.75 -6.99 10.19
C PHE A 957 10.20 -5.57 10.22
N LEU A 958 9.04 -5.36 9.58
CA LEU A 958 8.44 -4.04 9.55
C LEU A 958 8.02 -3.59 10.95
N SER A 959 7.48 -4.52 11.75
CA SER A 959 7.10 -4.18 13.12
C SER A 959 8.30 -3.76 13.95
N HIS A 960 9.42 -4.48 13.83
CA HIS A 960 10.62 -4.11 14.56
C HIS A 960 11.18 -2.77 14.09
N ILE A 961 11.12 -2.52 12.78
CA ILE A 961 11.59 -1.23 12.25
C ILE A 961 10.73 -0.09 12.79
N THR A 962 9.41 -0.26 12.78
CA THR A 962 8.52 0.79 13.25
C THR A 962 8.68 1.03 14.75
N SER A 963 8.79 -0.04 15.53
CA SER A 963 8.88 0.11 16.99
C SER A 963 10.15 0.83 17.39
N SER A 964 11.27 0.53 16.73
CA SER A 964 12.54 1.15 17.09
C SER A 964 12.51 2.66 16.85
N ILE A 965 11.94 3.09 15.71
CA ILE A 965 11.93 4.51 15.38
C ILE A 965 11.02 5.28 16.33
N GLN A 966 9.87 4.69 16.69
CA GLN A 966 8.93 5.37 17.58
C GLN A 966 9.48 5.53 18.98
N GLY A 967 10.50 4.77 19.35
CA GLY A 967 11.07 4.85 20.68
C GLY A 967 12.57 5.02 20.68
N LEU A 968 13.09 5.79 19.72
CA LEU A 968 14.53 5.96 19.61
C LEU A 968 15.13 6.60 20.85
N ALA A 969 14.44 7.58 21.43
CA ALA A 969 14.96 8.26 22.61
C ALA A 969 15.11 7.31 23.79
N THR A 970 14.14 6.42 23.99
CA THR A 970 14.20 5.48 25.10
C THR A 970 15.36 4.51 24.94
N ILE A 971 15.57 4.00 23.73
CA ILE A 971 16.69 3.08 23.49
C ILE A 971 18.02 3.80 23.66
N HIS A 972 18.09 5.06 23.19
CA HIS A 972 19.32 5.83 23.37
C HIS A 972 19.62 6.06 24.84
N ALA A 973 18.59 6.38 25.63
CA ALA A 973 18.80 6.59 27.06
C ALA A 973 19.20 5.30 27.77
N TYR A 974 18.62 4.17 27.36
CA TYR A 974 18.92 2.89 27.99
C TYR A 974 20.16 2.23 27.41
N ASN A 975 20.76 2.81 26.37
CA ASN A 975 21.97 2.27 25.75
C ASN A 975 21.79 0.82 25.29
N LYS A 976 20.63 0.55 24.70
CA LYS A 976 20.28 -0.78 24.21
C LYS A 976 20.37 -0.86 22.69
N GLY A 977 21.37 -0.18 22.11
CA GLY A 977 21.53 -0.14 20.68
C GLY A 977 22.21 -1.34 20.05
N GLN A 978 22.61 -2.32 20.84
CA GLN A 978 23.28 -3.51 20.32
C GLN A 978 22.34 -4.69 20.16
N GLU A 979 21.48 -4.96 21.14
CA GLU A 979 20.52 -6.05 21.03
C GLU A 979 19.54 -5.79 19.88
N PHE A 980 19.06 -4.54 19.76
CA PHE A 980 18.16 -4.20 18.67
C PHE A 980 18.85 -4.35 17.32
N LEU A 981 20.12 -3.95 17.22
CA LEU A 981 20.85 -4.11 15.97
C LEU A 981 21.04 -5.59 15.62
N HIS A 982 21.35 -6.41 16.62
CA HIS A 982 21.49 -7.85 16.38
C HIS A 982 20.17 -8.46 15.92
N ARG A 983 19.06 -8.08 16.56
CA ARG A 983 17.75 -8.57 16.13
C ARG A 983 17.43 -8.13 14.71
N TYR A 984 17.75 -6.88 14.38
CA TYR A 984 17.53 -6.39 13.02
C TYR A 984 18.35 -7.17 12.00
N GLN A 985 19.61 -7.47 12.34
CA GLN A 985 20.44 -8.26 11.43
C GLN A 985 19.88 -9.66 11.25
N GLU A 986 19.42 -10.28 12.34
CA GLU A 986 18.84 -11.62 12.24
C GLU A 986 17.59 -11.61 11.38
N LEU A 987 16.72 -10.62 11.57
CA LEU A 987 15.51 -10.52 10.76
C LEU A 987 15.86 -10.26 9.30
N LEU A 988 16.86 -9.42 9.05
CA LEU A 988 17.28 -9.15 7.68
C LEU A 988 17.79 -10.41 6.99
N ASP A 989 18.58 -11.22 7.70
CA ASP A 989 19.04 -12.48 7.12
C ASP A 989 17.89 -13.44 6.88
N ASP A 990 16.97 -13.55 7.85
CA ASP A 990 15.84 -14.47 7.73
C ASP A 990 14.85 -14.02 6.67
N ASN A 991 14.88 -12.75 6.26
CA ASN A 991 14.06 -12.28 5.16
C ASN A 991 14.79 -12.34 3.82
N GLN A 992 16.13 -12.21 3.83
CA GLN A 992 16.89 -12.24 2.59
C GLN A 992 17.05 -13.67 2.07
N ALA A 993 17.16 -14.64 2.98
CA ALA A 993 17.34 -16.03 2.53
C ALA A 993 16.18 -16.54 1.68
N PRO A 994 14.90 -16.42 2.10
CA PRO A 994 13.82 -16.86 1.21
C PRO A 994 13.75 -16.08 -0.08
N PHE A 995 14.06 -14.79 -0.07
CA PHE A 995 14.07 -14.01 -1.30
C PHE A 995 15.15 -14.51 -2.26
N PHE A 996 16.33 -14.81 -1.74
CA PHE A 996 17.40 -15.36 -2.57
C PHE A 996 17.01 -16.72 -3.13
N LEU A 997 16.38 -17.57 -2.31
CA LEU A 997 15.93 -18.87 -2.79
C LEU A 997 14.88 -18.72 -3.89
N PHE A 998 13.95 -17.77 -3.72
CA PHE A 998 12.92 -17.55 -4.72
C PHE A 998 13.52 -17.05 -6.02
N THR A 999 14.49 -16.13 -5.95
CA THR A 999 15.15 -15.65 -7.16
C THR A 999 15.90 -16.77 -7.86
N CYS A 1000 16.58 -17.63 -7.08
CA CYS A 1000 17.29 -18.75 -7.67
C CYS A 1000 16.33 -19.73 -8.34
N ALA A 1001 15.17 -19.97 -7.72
CA ALA A 1001 14.17 -20.85 -8.33
C ALA A 1001 13.63 -20.24 -9.62
N MET A 1002 13.40 -18.92 -9.63
CA MET A 1002 12.96 -18.24 -10.85
C MET A 1002 14.00 -18.40 -11.96
N ARG A 1003 15.28 -18.22 -11.60
CA ARG A 1003 16.34 -18.39 -12.59
C ARG A 1003 16.41 -19.83 -13.10
N TRP A 1004 16.22 -20.80 -12.20
CA TRP A 1004 16.24 -22.21 -12.62
C TRP A 1004 15.10 -22.50 -13.59
N LEU A 1005 13.91 -21.98 -13.30
CA LEU A 1005 12.78 -22.16 -14.21
C LEU A 1005 13.05 -21.52 -15.56
N ALA A 1006 13.64 -20.30 -15.55
CA ALA A 1006 13.97 -19.64 -16.80
C ALA A 1006 15.00 -20.44 -17.59
N VAL A 1007 15.98 -21.01 -16.89
CA VAL A 1007 17.00 -21.82 -17.56
C VAL A 1007 16.37 -23.07 -18.18
N ARG A 1008 15.46 -23.72 -17.45
CA ARG A 1008 14.79 -24.91 -18.00
C ARG A 1008 13.97 -24.55 -19.23
N LEU A 1009 13.24 -23.43 -19.19
CA LEU A 1009 12.45 -23.02 -20.33
C LEU A 1009 13.35 -22.67 -21.52
N ASP A 1010 14.48 -22.00 -21.26
CA ASP A 1010 15.43 -21.70 -22.32
C ASP A 1010 16.01 -22.97 -22.93
N LEU A 1011 16.28 -23.98 -22.10
CA LEU A 1011 16.77 -25.25 -22.60
C LEU A 1011 15.72 -25.95 -23.46
N ILE A 1012 14.45 -25.85 -23.05
CA ILE A 1012 13.37 -26.43 -23.86
C ILE A 1012 13.29 -25.74 -25.22
N SER A 1013 13.39 -24.40 -25.22
CA SER A 1013 13.37 -23.67 -26.49
C SER A 1013 14.59 -24.01 -27.34
N ILE A 1014 15.75 -24.20 -26.70
CA ILE A 1014 16.96 -24.58 -27.42
C ILE A 1014 16.79 -25.94 -28.07
N ALA A 1015 16.19 -26.89 -27.35
CA ALA A 1015 15.91 -28.20 -27.92
C ALA A 1015 14.94 -28.10 -29.09
N LEU A 1016 13.93 -27.23 -28.97
CA LEU A 1016 13.00 -27.02 -30.07
C LEU A 1016 13.72 -26.48 -31.31
N ILE A 1017 14.62 -25.50 -31.11
CA ILE A 1017 15.36 -24.94 -32.24
C ILE A 1017 16.27 -26.00 -32.86
N THR A 1018 16.92 -26.81 -32.03
CA THR A 1018 17.79 -27.87 -32.54
C THR A 1018 16.99 -28.88 -33.34
N THR A 1019 15.81 -29.26 -32.85
CA THR A 1019 14.96 -30.19 -33.59
C THR A 1019 14.52 -29.59 -34.92
N THR A 1020 14.17 -28.29 -34.93
CA THR A 1020 13.78 -27.64 -36.17
C THR A 1020 14.94 -27.65 -37.18
N GLY A 1021 16.14 -27.33 -36.71
CA GLY A 1021 17.29 -27.34 -37.61
C GLY A 1021 17.61 -28.74 -38.13
N LEU A 1022 17.51 -29.74 -37.26
CA LEU A 1022 17.78 -31.12 -37.68
C LEU A 1022 16.75 -31.58 -38.71
N MET A 1023 15.49 -31.22 -38.52
CA MET A 1023 14.46 -31.54 -39.52
C MET A 1023 14.73 -30.81 -40.83
N ILE A 1024 15.21 -29.56 -40.74
CA ILE A 1024 15.53 -28.79 -41.94
C ILE A 1024 16.65 -29.47 -42.72
N VAL A 1025 17.67 -29.97 -42.01
CA VAL A 1025 18.85 -30.52 -42.67
C VAL A 1025 18.50 -31.76 -43.48
N LEU A 1026 17.69 -32.66 -42.92
CA LEU A 1026 17.43 -33.96 -43.53
C LEU A 1026 16.68 -33.87 -44.85
N MET A 1027 15.93 -32.80 -45.10
CA MET A 1027 15.01 -32.73 -46.23
C MET A 1027 15.52 -31.70 -47.24
N HIS A 1028 16.80 -31.32 -47.11
CA HIS A 1028 17.40 -30.38 -48.05
C HIS A 1028 17.33 -30.93 -49.48
N GLY A 1029 16.98 -30.04 -50.41
CA GLY A 1029 16.83 -30.41 -51.80
C GLY A 1029 15.42 -30.83 -52.20
N GLN A 1030 14.52 -31.00 -51.24
CA GLN A 1030 13.15 -31.37 -51.53
C GLN A 1030 12.15 -30.23 -51.37
N ILE A 1031 12.54 -29.16 -50.68
CA ILE A 1031 11.65 -28.01 -50.47
C ILE A 1031 12.40 -26.74 -50.87
N PRO A 1032 11.69 -25.69 -51.27
CA PRO A 1032 12.39 -24.45 -51.62
C PRO A 1032 13.12 -23.89 -50.42
N PRO A 1033 14.27 -23.23 -50.65
CA PRO A 1033 15.01 -22.66 -49.51
C PRO A 1033 14.23 -21.59 -48.75
N ALA A 1034 13.26 -20.95 -49.39
CA ALA A 1034 12.49 -19.92 -48.71
C ALA A 1034 11.70 -20.49 -47.54
N TYR A 1035 11.09 -21.67 -47.72
CA TYR A 1035 10.33 -22.28 -46.63
C TYR A 1035 11.25 -22.67 -45.48
N ALA A 1036 12.42 -23.23 -45.78
CA ALA A 1036 13.36 -23.60 -44.74
C ALA A 1036 13.85 -22.36 -43.98
N GLY A 1037 14.13 -21.28 -44.70
CA GLY A 1037 14.53 -20.05 -44.05
C GLY A 1037 13.43 -19.47 -43.18
N LEU A 1038 12.18 -19.54 -43.65
CA LEU A 1038 11.05 -19.10 -42.84
C LEU A 1038 10.93 -19.91 -41.56
N ALA A 1039 11.08 -21.24 -41.67
CA ALA A 1039 11.00 -22.09 -40.49
C ALA A 1039 12.12 -21.80 -39.51
N ILE A 1040 13.35 -21.62 -40.00
CA ILE A 1040 14.48 -21.37 -39.12
C ILE A 1040 14.39 -19.97 -38.51
N SER A 1041 13.75 -19.02 -39.20
CA SER A 1041 13.57 -17.70 -38.64
C SER A 1041 12.50 -17.69 -37.56
N TYR A 1042 11.40 -18.41 -37.78
CA TYR A 1042 10.35 -18.50 -36.77
C TYR A 1042 10.77 -19.34 -35.57
N ALA A 1043 11.67 -20.30 -35.75
CA ALA A 1043 12.16 -21.09 -34.63
C ALA A 1043 13.03 -20.24 -33.70
N VAL A 1044 13.81 -19.31 -34.25
CA VAL A 1044 14.67 -18.46 -33.44
C VAL A 1044 13.85 -17.57 -32.52
N GLN A 1045 12.74 -17.01 -33.04
CA GLN A 1045 11.92 -16.10 -32.25
C GLN A 1045 11.30 -16.78 -31.04
N LEU A 1046 11.22 -18.12 -31.04
CA LEU A 1046 10.60 -18.84 -29.94
C LEU A 1046 11.33 -18.67 -28.61
N THR A 1047 12.56 -18.18 -28.62
CA THR A 1047 13.31 -17.98 -27.38
C THR A 1047 12.69 -16.85 -26.58
N GLY A 1048 12.45 -17.09 -25.30
CA GLY A 1048 11.89 -16.08 -24.41
C GLY A 1048 10.37 -16.10 -24.36
N LEU A 1049 9.74 -16.54 -25.44
CA LEU A 1049 8.28 -16.59 -25.48
C LEU A 1049 7.71 -17.57 -24.46
N PHE A 1050 8.35 -18.73 -24.30
CA PHE A 1050 7.88 -19.69 -23.30
C PHE A 1050 7.99 -19.12 -21.89
N GLN A 1051 9.12 -18.46 -21.59
CA GLN A 1051 9.29 -17.86 -20.27
C GLN A 1051 8.27 -16.76 -20.03
N PHE A 1052 8.00 -15.93 -21.05
CA PHE A 1052 6.98 -14.89 -20.90
C PHE A 1052 5.60 -15.50 -20.68
N THR A 1053 5.26 -16.56 -21.42
CA THR A 1053 3.96 -17.20 -21.24
C THR A 1053 3.82 -17.78 -19.84
N VAL A 1054 4.88 -18.42 -19.34
CA VAL A 1054 4.84 -18.98 -17.99
C VAL A 1054 4.70 -17.87 -16.96
N ARG A 1055 5.43 -16.77 -17.13
CA ARG A 1055 5.42 -15.70 -16.15
C ARG A 1055 4.03 -15.06 -16.02
N LEU A 1056 3.36 -14.83 -17.15
CA LEU A 1056 2.05 -14.19 -17.15
C LEU A 1056 0.92 -15.13 -16.74
N ALA A 1057 1.18 -16.44 -16.66
CA ALA A 1057 0.16 -17.39 -16.26
C ALA A 1057 -0.04 -17.45 -14.75
N SER A 1058 0.84 -16.83 -13.97
CA SER A 1058 0.72 -16.82 -12.52
C SER A 1058 0.25 -15.50 -11.96
N GLU A 1059 0.58 -14.38 -12.61
CA GLU A 1059 0.17 -13.06 -12.14
C GLU A 1059 -1.27 -12.71 -12.50
N THR A 1060 -1.79 -13.26 -13.61
CA THR A 1060 -3.18 -13.00 -13.97
C THR A 1060 -4.14 -13.59 -12.95
N GLU A 1061 -3.82 -14.78 -12.43
CA GLU A 1061 -4.67 -15.40 -11.42
C GLU A 1061 -4.70 -14.59 -10.14
N ALA A 1062 -3.62 -13.87 -9.83
CA ALA A 1062 -3.58 -13.08 -8.60
C ALA A 1062 -4.62 -11.97 -8.60
N ARG A 1063 -5.09 -11.55 -9.78
CA ARG A 1063 -6.16 -10.57 -9.87
C ARG A 1063 -7.54 -11.21 -9.90
N PHE A 1064 -7.63 -12.44 -10.42
CA PHE A 1064 -8.90 -13.15 -10.44
C PHE A 1064 -9.37 -13.51 -9.02
N THR A 1065 -8.46 -13.70 -8.07
CA THR A 1065 -8.90 -13.87 -6.69
C THR A 1065 -9.51 -12.59 -6.14
N SER A 1066 -9.01 -11.43 -6.56
CA SER A 1066 -9.65 -10.17 -6.17
C SER A 1066 -11.01 -10.03 -6.84
N VAL A 1067 -11.12 -10.48 -8.10
CA VAL A 1067 -12.43 -10.47 -8.77
C VAL A 1067 -13.41 -11.36 -8.04
N GLU A 1068 -12.96 -12.54 -7.61
CA GLU A 1068 -13.81 -13.44 -6.85
C GLU A 1068 -14.21 -12.82 -5.50
N ARG A 1069 -13.28 -12.14 -4.84
CA ARG A 1069 -13.59 -11.48 -3.58
C ARG A 1069 -14.64 -10.38 -3.78
N ILE A 1070 -14.53 -9.64 -4.89
CA ILE A 1070 -15.53 -8.63 -5.20
C ILE A 1070 -16.88 -9.29 -5.44
N ASN A 1071 -16.90 -10.37 -6.23
CA ASN A 1071 -18.15 -11.05 -6.55
C ASN A 1071 -18.75 -11.78 -5.35
N HIS A 1072 -17.96 -12.00 -4.30
CA HIS A 1072 -18.48 -12.70 -3.12
C HIS A 1072 -19.59 -11.89 -2.46
N TYR A 1073 -19.39 -10.57 -2.32
CA TYR A 1073 -20.41 -9.72 -1.72
C TYR A 1073 -21.57 -9.45 -2.67
N ILE A 1074 -21.42 -9.77 -3.96
CA ILE A 1074 -22.47 -9.50 -4.92
C ILE A 1074 -23.68 -10.40 -4.66
N LYS A 1075 -23.43 -11.70 -4.47
CA LYS A 1075 -24.49 -12.67 -4.26
C LYS A 1075 -24.75 -12.99 -2.81
N THR A 1076 -24.06 -12.31 -1.88
CA THR A 1076 -24.22 -12.57 -0.46
C THR A 1076 -25.17 -11.58 0.22
N LEU A 1077 -25.17 -10.32 -0.22
CA LEU A 1077 -26.04 -9.32 0.39
C LEU A 1077 -27.51 -9.65 0.12
N SER A 1078 -28.33 -9.46 1.15
CA SER A 1078 -29.76 -9.72 1.04
C SER A 1078 -30.46 -8.50 0.44
N LEU A 1079 -31.79 -8.49 0.46
CA LEU A 1079 -32.59 -7.40 -0.07
C LEU A 1079 -33.44 -6.81 1.04
N GLU A 1080 -33.51 -5.48 1.08
CA GLU A 1080 -34.29 -4.78 2.08
C GLU A 1080 -35.74 -4.68 1.62
N ALA A 1081 -36.54 -3.88 2.31
CA ALA A 1081 -37.93 -3.71 1.94
C ALA A 1081 -38.04 -3.01 0.58
N PRO A 1082 -39.06 -3.36 -0.20
CA PRO A 1082 -39.22 -2.73 -1.52
C PRO A 1082 -39.52 -1.24 -1.39
N ALA A 1083 -39.10 -0.48 -2.41
CA ALA A 1083 -39.33 0.96 -2.40
C ALA A 1083 -40.83 1.28 -2.43
N ARG A 1084 -41.59 0.53 -3.22
CA ARG A 1084 -43.03 0.71 -3.33
C ARG A 1084 -43.75 -0.48 -2.73
N ILE A 1085 -44.64 -0.23 -1.78
CA ILE A 1085 -45.39 -1.28 -1.10
C ILE A 1085 -46.74 -1.43 -1.80
N LYS A 1086 -47.17 -2.69 -1.96
CA LYS A 1086 -48.41 -2.97 -2.68
C LYS A 1086 -49.64 -2.36 -2.00
N ASN A 1087 -49.54 -2.00 -0.72
CA ASN A 1087 -50.65 -1.34 -0.03
C ASN A 1087 -50.88 0.08 -0.51
N LYS A 1088 -49.98 0.63 -1.32
CA LYS A 1088 -50.10 1.96 -1.90
C LYS A 1088 -50.05 3.05 -0.83
N ALA A 1089 -50.07 4.31 -1.27
CA ALA A 1089 -50.01 5.42 -0.32
C ALA A 1089 -51.31 5.49 0.48
N PRO A 1090 -51.23 5.79 1.78
CA PRO A 1090 -52.46 5.92 2.59
C PRO A 1090 -53.31 7.11 2.18
N SER A 1091 -52.69 8.28 2.07
CA SER A 1091 -53.39 9.50 1.69
C SER A 1091 -52.40 10.53 1.14
N PRO A 1092 -52.80 11.35 0.18
CA PRO A 1092 -51.89 12.39 -0.33
C PRO A 1092 -51.44 13.38 0.73
N ASP A 1093 -52.29 13.68 1.71
CA ASP A 1093 -51.94 14.63 2.78
C ASP A 1093 -51.51 13.94 4.05
N TRP A 1094 -51.23 12.64 4.01
CA TRP A 1094 -50.81 11.93 5.22
C TRP A 1094 -49.45 12.43 5.67
N PRO A 1095 -49.27 12.64 6.99
CA PRO A 1095 -50.24 12.49 8.07
C PRO A 1095 -51.21 13.67 8.16
N GLN A 1096 -52.46 13.40 8.52
CA GLN A 1096 -53.44 14.49 8.64
C GLN A 1096 -53.14 15.38 9.84
N GLU A 1097 -52.56 14.81 10.90
CA GLU A 1097 -52.24 15.56 12.10
C GLU A 1097 -50.99 14.93 12.69
N GLY A 1098 -50.66 15.28 13.94
CA GLY A 1098 -49.46 14.76 14.58
C GLY A 1098 -49.76 13.83 15.74
N GLU A 1099 -50.73 12.95 15.57
CA GLU A 1099 -51.12 12.00 16.60
C GLU A 1099 -50.45 10.65 16.35
N VAL A 1100 -49.84 10.11 17.39
CA VAL A 1100 -49.16 8.82 17.33
C VAL A 1100 -49.66 7.95 18.48
N THR A 1101 -49.65 6.63 18.28
CA THR A 1101 -50.09 5.68 19.29
C THR A 1101 -49.21 4.44 19.25
N PHE A 1102 -49.03 3.81 20.41
CA PHE A 1102 -48.27 2.59 20.54
C PHE A 1102 -49.15 1.50 21.13
N GLU A 1103 -48.97 0.27 20.62
CA GLU A 1103 -49.75 -0.88 21.08
C GLU A 1103 -48.84 -2.10 21.11
N ASN A 1104 -48.29 -2.40 22.29
CA ASN A 1104 -47.44 -3.57 22.51
C ASN A 1104 -46.26 -3.60 21.54
N ALA A 1105 -45.42 -2.57 21.64
CA ALA A 1105 -44.26 -2.44 20.77
C ALA A 1105 -43.20 -3.46 21.16
N GLU A 1106 -42.83 -4.32 20.22
CA GLU A 1106 -41.78 -5.32 20.42
C GLU A 1106 -40.62 -4.99 19.50
N MET A 1107 -39.42 -4.89 20.08
CA MET A 1107 -38.23 -4.51 19.32
C MET A 1107 -37.05 -5.36 19.75
N ARG A 1108 -36.29 -5.84 18.76
CA ARG A 1108 -35.05 -6.56 19.01
C ARG A 1108 -34.05 -6.20 17.93
N TYR A 1109 -32.78 -6.05 18.31
CA TYR A 1109 -31.77 -5.61 17.36
C TYR A 1109 -31.45 -6.70 16.35
N ARG A 1110 -31.24 -7.93 16.83
CA ARG A 1110 -30.85 -9.05 15.96
C ARG A 1110 -31.45 -10.33 16.52
N GLU A 1111 -31.22 -11.43 15.81
CA GLU A 1111 -31.71 -12.73 16.24
C GLU A 1111 -30.97 -13.18 17.49
N ASN A 1112 -31.72 -13.79 18.42
CA ASN A 1112 -31.25 -14.33 19.70
C ASN A 1112 -30.82 -13.23 20.67
N LEU A 1113 -30.85 -11.96 20.27
CA LEU A 1113 -30.52 -10.87 21.18
C LEU A 1113 -31.68 -10.60 22.12
N PRO A 1114 -31.40 -10.12 23.34
CA PRO A 1114 -32.49 -9.77 24.25
C PRO A 1114 -33.35 -8.65 23.70
N LEU A 1115 -34.65 -8.74 23.99
CA LEU A 1115 -35.60 -7.75 23.48
C LEU A 1115 -35.35 -6.38 24.13
N VAL A 1116 -35.42 -5.34 23.30
CA VAL A 1116 -35.23 -3.98 23.79
C VAL A 1116 -36.53 -3.39 24.31
N LEU A 1117 -37.61 -3.54 23.55
CA LEU A 1117 -38.93 -3.05 23.94
C LEU A 1117 -39.86 -4.24 24.12
N LYS A 1118 -40.52 -4.30 25.28
CA LYS A 1118 -41.40 -5.42 25.61
C LYS A 1118 -42.69 -4.86 26.21
N LYS A 1119 -43.78 -4.93 25.43
CA LYS A 1119 -45.11 -4.54 25.89
C LYS A 1119 -45.12 -3.10 26.41
N VAL A 1120 -44.81 -2.16 25.51
CA VAL A 1120 -44.80 -0.74 25.81
C VAL A 1120 -45.87 -0.07 24.95
N SER A 1121 -46.80 0.61 25.61
CA SER A 1121 -47.88 1.31 24.92
C SER A 1121 -48.10 2.66 25.58
N PHE A 1122 -48.18 3.71 24.77
CA PHE A 1122 -48.42 5.05 25.28
C PHE A 1122 -49.06 5.89 24.19
N THR A 1123 -49.70 6.97 24.61
CA THR A 1123 -50.39 7.89 23.71
C THR A 1123 -49.79 9.28 23.84
N ILE A 1124 -49.54 9.92 22.70
CA ILE A 1124 -48.98 11.27 22.66
C ILE A 1124 -50.00 12.17 21.98
N LYS A 1125 -50.46 13.19 22.71
CA LYS A 1125 -51.42 14.12 22.16
C LYS A 1125 -50.74 15.11 21.23
N PRO A 1126 -51.49 15.75 20.32
CA PRO A 1126 -50.90 16.76 19.44
C PRO A 1126 -50.36 17.93 20.22
N LYS A 1127 -49.32 18.56 19.67
CA LYS A 1127 -48.64 19.72 20.25
C LYS A 1127 -48.10 19.46 21.64
N GLU A 1128 -47.51 18.30 21.89
CA GLU A 1128 -46.95 17.96 23.18
C GLU A 1128 -45.43 17.84 23.11
N LYS A 1129 -44.78 18.27 24.19
CA LYS A 1129 -43.33 18.14 24.34
C LYS A 1129 -43.04 16.94 25.22
N ILE A 1130 -42.35 15.95 24.67
CA ILE A 1130 -42.06 14.70 25.37
C ILE A 1130 -40.55 14.58 25.51
N GLY A 1131 -40.08 14.41 26.75
CA GLY A 1131 -38.68 14.22 27.01
C GLY A 1131 -38.37 12.82 27.54
N ILE A 1132 -37.70 12.02 26.72
CA ILE A 1132 -37.37 10.64 27.10
C ILE A 1132 -35.99 10.64 27.76
N VAL A 1133 -35.95 10.24 29.03
CA VAL A 1133 -34.71 10.16 29.80
C VAL A 1133 -34.66 8.81 30.49
N GLY A 1134 -33.52 8.14 30.43
CA GLY A 1134 -33.39 6.85 31.06
C GLY A 1134 -31.94 6.41 31.07
N ARG A 1135 -31.71 5.25 31.69
CA ARG A 1135 -30.37 4.70 31.79
C ARG A 1135 -29.95 4.07 30.46
N THR A 1136 -28.65 3.83 30.33
CA THR A 1136 -28.12 3.21 29.12
C THR A 1136 -28.64 1.79 28.99
N GLY A 1137 -29.06 1.44 27.76
CA GLY A 1137 -29.61 0.12 27.50
C GLY A 1137 -31.07 -0.04 27.79
N SER A 1138 -31.75 1.00 28.31
CA SER A 1138 -33.18 0.90 28.58
C SER A 1138 -33.99 0.79 27.30
N GLY A 1139 -33.55 1.45 26.24
CA GLY A 1139 -34.26 1.42 24.97
C GLY A 1139 -34.66 2.79 24.47
N LYS A 1140 -34.09 3.84 25.08
CA LYS A 1140 -34.41 5.19 24.66
C LYS A 1140 -33.97 5.45 23.22
N SER A 1141 -32.79 4.96 22.85
CA SER A 1141 -32.31 5.14 21.49
C SER A 1141 -33.05 4.26 20.49
N SER A 1142 -33.78 3.25 20.97
CA SER A 1142 -34.50 2.34 20.10
C SER A 1142 -35.85 2.89 19.63
N LEU A 1143 -36.34 3.99 20.23
CA LEU A 1143 -37.59 4.57 19.79
C LEU A 1143 -37.49 5.10 18.36
N GLY A 1144 -36.38 5.77 18.05
CA GLY A 1144 -36.18 6.30 16.71
C GLY A 1144 -36.05 5.22 15.65
N MET A 1145 -35.36 4.12 15.99
CA MET A 1145 -35.21 3.02 15.04
C MET A 1145 -36.56 2.39 14.72
N ALA A 1146 -37.40 2.17 15.72
CA ALA A 1146 -38.72 1.58 15.51
C ALA A 1146 -39.72 2.53 14.87
N LEU A 1147 -39.61 3.84 15.14
CA LEU A 1147 -40.54 4.80 14.54
C LEU A 1147 -40.31 4.93 13.04
N PHE A 1148 -39.08 4.76 12.58
CA PHE A 1148 -38.74 4.92 11.17
C PHE A 1148 -38.84 3.61 10.39
N ARG A 1149 -39.27 2.52 11.03
CA ARG A 1149 -39.31 1.19 10.42
C ARG A 1149 -37.94 0.79 9.88
N LEU A 1150 -36.89 1.16 10.63
CA LEU A 1150 -35.54 0.78 10.24
C LEU A 1150 -35.37 -0.74 10.26
N VAL A 1151 -35.90 -1.39 11.29
CA VAL A 1151 -35.89 -2.84 11.41
C VAL A 1151 -37.33 -3.30 11.63
N GLU A 1152 -37.74 -4.33 10.89
CA GLU A 1152 -39.12 -4.82 10.99
C GLU A 1152 -39.42 -5.29 12.40
N LEU A 1153 -40.57 -4.89 12.92
CA LEU A 1153 -40.96 -5.25 14.27
C LEU A 1153 -41.27 -6.74 14.36
N SER A 1154 -40.97 -7.31 15.53
CA SER A 1154 -41.22 -8.72 15.79
C SER A 1154 -42.58 -8.99 16.42
N GLY A 1155 -43.38 -7.95 16.64
CA GLY A 1155 -44.69 -8.13 17.23
C GLY A 1155 -45.40 -6.81 17.51
N GLY A 1156 -46.72 -6.87 17.72
CA GLY A 1156 -47.48 -5.69 17.99
C GLY A 1156 -47.76 -4.86 16.75
N CYS A 1157 -48.42 -3.73 16.97
CA CYS A 1157 -48.77 -2.82 15.89
C CYS A 1157 -48.66 -1.38 16.40
N ILE A 1158 -48.31 -0.48 15.47
CA ILE A 1158 -48.20 0.94 15.75
C ILE A 1158 -49.15 1.68 14.82
N LYS A 1159 -50.00 2.52 15.39
CA LYS A 1159 -51.02 3.25 14.64
C LYS A 1159 -50.72 4.74 14.69
N ILE A 1160 -50.71 5.38 13.53
CA ILE A 1160 -50.48 6.82 13.40
C ILE A 1160 -51.66 7.41 12.64
N ASP A 1161 -52.41 8.29 13.29
CA ASP A 1161 -53.58 8.94 12.70
C ASP A 1161 -54.58 7.92 12.17
N GLY A 1162 -54.73 6.81 12.88
CA GLY A 1162 -55.65 5.77 12.47
C GLY A 1162 -55.16 4.89 11.33
N VAL A 1163 -53.91 5.06 10.90
CA VAL A 1163 -53.34 4.28 9.80
C VAL A 1163 -52.12 3.54 10.34
N ARG A 1164 -52.07 2.24 10.08
CA ARG A 1164 -50.93 1.43 10.52
C ARG A 1164 -49.68 1.82 9.74
N ILE A 1165 -48.56 1.94 10.45
CA ILE A 1165 -47.31 2.38 9.83
C ILE A 1165 -46.80 1.35 8.84
N SER A 1166 -46.98 0.06 9.13
CA SER A 1166 -46.44 -1.01 8.29
C SER A 1166 -47.07 -1.06 6.90
N ASP A 1167 -48.19 -0.37 6.68
CA ASP A 1167 -48.85 -0.34 5.37
C ASP A 1167 -48.34 0.81 4.50
N ILE A 1168 -47.35 1.55 4.97
CA ILE A 1168 -46.79 2.68 4.24
C ILE A 1168 -45.37 2.34 3.83
N GLY A 1169 -45.03 2.64 2.58
CA GLY A 1169 -43.70 2.34 2.09
C GLY A 1169 -42.63 3.18 2.77
N LEU A 1170 -41.39 2.70 2.65
CA LEU A 1170 -40.27 3.38 3.30
C LEU A 1170 -40.04 4.77 2.72
N ALA A 1171 -40.19 4.92 1.41
CA ALA A 1171 -39.99 6.22 0.77
C ALA A 1171 -41.02 7.24 1.27
N ASP A 1172 -42.28 6.83 1.37
CA ASP A 1172 -43.33 7.72 1.84
C ASP A 1172 -43.27 7.97 3.36
N LEU A 1173 -42.94 6.95 4.14
CA LEU A 1173 -42.89 7.08 5.60
C LEU A 1173 -41.84 8.08 6.06
N ARG A 1174 -40.64 8.05 5.44
CA ARG A 1174 -39.55 8.92 5.87
C ARG A 1174 -39.66 10.32 5.28
N SER A 1175 -40.60 10.56 4.36
CA SER A 1175 -40.74 11.87 3.74
C SER A 1175 -41.50 12.87 4.60
N LYS A 1176 -42.13 12.43 5.69
CA LYS A 1176 -42.92 13.31 6.54
C LYS A 1176 -42.48 13.28 8.00
N LEU A 1177 -41.31 12.74 8.31
CA LEU A 1177 -40.78 12.68 9.66
C LEU A 1177 -39.39 13.28 9.69
N SER A 1178 -39.07 13.96 10.80
CA SER A 1178 -37.80 14.66 10.95
C SER A 1178 -37.05 14.13 12.15
N ILE A 1179 -35.74 13.95 12.00
CA ILE A 1179 -34.86 13.50 13.07
C ILE A 1179 -33.61 14.36 13.07
N ILE A 1180 -33.23 14.86 14.24
CA ILE A 1180 -32.02 15.65 14.40
C ILE A 1180 -30.89 14.70 14.82
N PRO A 1181 -29.81 14.62 14.06
CA PRO A 1181 -28.71 13.72 14.43
C PRO A 1181 -28.03 14.14 15.73
N GLN A 1182 -27.51 13.16 16.45
CA GLN A 1182 -26.79 13.44 17.68
C GLN A 1182 -25.53 14.25 17.42
N GLU A 1183 -24.78 13.88 16.37
CA GLU A 1183 -23.57 14.59 16.01
C GLU A 1183 -23.75 15.33 14.69
N PRO A 1184 -23.54 16.64 14.69
CA PRO A 1184 -23.59 17.41 13.44
C PRO A 1184 -22.86 16.72 12.30
N VAL A 1185 -23.54 16.62 11.16
CA VAL A 1185 -23.01 15.97 9.97
C VAL A 1185 -23.03 16.98 8.82
N LEU A 1186 -21.89 17.13 8.15
CA LEU A 1186 -21.76 18.05 7.02
C LEU A 1186 -21.05 17.32 5.89
N PHE A 1187 -21.79 17.00 4.85
CA PHE A 1187 -21.24 16.32 3.68
C PHE A 1187 -20.33 17.27 2.90
N SER A 1188 -19.26 16.70 2.33
CA SER A 1188 -18.35 17.50 1.53
C SER A 1188 -19.03 17.97 0.26
N GLY A 1189 -18.75 19.23 -0.11
CA GLY A 1189 -19.35 19.80 -1.30
C GLY A 1189 -19.75 21.26 -1.14
N THR A 1190 -21.03 21.55 -1.37
CA THR A 1190 -21.55 22.90 -1.36
C THR A 1190 -22.58 23.06 -0.23
N VAL A 1191 -22.73 24.31 0.22
CA VAL A 1191 -23.72 24.61 1.25
C VAL A 1191 -25.13 24.30 0.73
N ARG A 1192 -25.41 24.69 -0.51
CA ARG A 1192 -26.71 24.36 -1.11
C ARG A 1192 -26.89 22.85 -1.23
N SER A 1193 -25.83 22.14 -1.62
CA SER A 1193 -25.89 20.69 -1.70
C SER A 1193 -26.10 20.04 -0.33
N ASN A 1194 -25.68 20.71 0.75
CA ASN A 1194 -25.87 20.21 2.10
C ASN A 1194 -27.24 20.56 2.66
N LEU A 1195 -28.03 21.37 1.95
CA LEU A 1195 -29.37 21.75 2.37
C LEU A 1195 -30.47 21.06 1.57
N ASP A 1196 -30.34 21.02 0.25
CA ASP A 1196 -31.30 20.36 -0.62
C ASP A 1196 -30.63 19.97 -1.93
N PRO A 1197 -29.95 18.82 -1.97
CA PRO A 1197 -29.25 18.43 -3.21
C PRO A 1197 -30.17 18.26 -4.40
N PHE A 1198 -31.40 17.82 -4.19
CA PHE A 1198 -32.33 17.63 -5.30
C PHE A 1198 -32.90 18.95 -5.81
N ASN A 1199 -32.69 20.05 -5.09
CA ASN A 1199 -33.10 21.38 -5.52
C ASN A 1199 -34.61 21.45 -5.75
N GLN A 1200 -35.36 21.20 -4.67
CA GLN A 1200 -36.81 21.30 -4.69
C GLN A 1200 -37.34 22.61 -4.15
N TYR A 1201 -36.57 23.30 -3.31
CA TYR A 1201 -37.02 24.53 -2.67
C TYR A 1201 -36.53 25.75 -3.45
N THR A 1202 -37.16 26.89 -3.17
CA THR A 1202 -36.80 28.15 -3.81
C THR A 1202 -35.86 28.96 -2.92
N GLU A 1203 -35.31 30.03 -3.49
CA GLU A 1203 -34.32 30.84 -2.78
C GLU A 1203 -34.91 31.53 -1.56
N ASP A 1204 -36.13 32.06 -1.70
CA ASP A 1204 -36.73 32.82 -0.60
C ASP A 1204 -36.98 31.94 0.61
N GLN A 1205 -37.44 30.71 0.39
CA GLN A 1205 -37.66 29.79 1.50
C GLN A 1205 -36.35 29.45 2.21
N ILE A 1206 -35.28 29.22 1.44
CA ILE A 1206 -33.98 28.94 2.04
C ILE A 1206 -33.49 30.13 2.85
N TRP A 1207 -33.66 31.34 2.32
CA TRP A 1207 -33.24 32.53 3.05
C TRP A 1207 -34.05 32.72 4.33
N ASP A 1208 -35.36 32.46 4.27
CA ASP A 1208 -36.19 32.56 5.47
C ASP A 1208 -35.77 31.52 6.51
N ALA A 1209 -35.48 30.30 6.08
CA ALA A 1209 -35.01 29.28 7.01
C ALA A 1209 -33.68 29.68 7.64
N LEU A 1210 -32.77 30.23 6.84
CA LEU A 1210 -31.47 30.65 7.37
C LEU A 1210 -31.63 31.80 8.37
N GLU A 1211 -32.50 32.76 8.07
CA GLU A 1211 -32.69 33.88 8.99
C GLU A 1211 -33.51 33.50 10.21
N ARG A 1212 -34.24 32.39 10.16
CA ARG A 1212 -34.97 31.92 11.34
C ARG A 1212 -34.01 31.52 12.44
N THR A 1213 -32.90 30.88 12.09
CA THR A 1213 -31.88 30.47 13.05
C THR A 1213 -30.75 31.49 13.16
N HIS A 1214 -30.95 32.71 12.66
CA HIS A 1214 -29.96 33.78 12.72
C HIS A 1214 -28.66 33.37 12.03
N MET A 1215 -28.78 32.62 10.93
CA MET A 1215 -27.63 32.20 10.14
C MET A 1215 -27.47 32.99 8.84
N LYS A 1216 -28.35 33.96 8.59
CA LYS A 1216 -28.24 34.76 7.36
C LYS A 1216 -26.96 35.59 7.36
N GLU A 1217 -26.61 36.17 8.51
CA GLU A 1217 -25.41 37.01 8.58
C GLU A 1217 -24.14 36.19 8.34
N CYS A 1218 -24.09 34.98 8.91
CA CYS A 1218 -22.91 34.13 8.76
C CYS A 1218 -22.78 33.53 7.37
N ILE A 1219 -23.82 33.57 6.56
CA ILE A 1219 -23.80 33.00 5.22
C ILE A 1219 -23.62 34.06 4.15
N ALA A 1220 -24.41 35.14 4.21
CA ALA A 1220 -24.35 36.18 3.19
C ALA A 1220 -23.03 36.95 3.24
N GLN A 1221 -22.30 36.89 4.36
CA GLN A 1221 -21.03 37.61 4.45
C GLN A 1221 -20.01 37.08 3.46
N LEU A 1222 -19.95 35.77 3.26
CA LEU A 1222 -19.01 35.20 2.31
C LEU A 1222 -19.40 35.57 0.88
N PRO A 1223 -18.43 35.75 -0.02
CA PRO A 1223 -18.77 36.04 -1.42
C PRO A 1223 -19.41 34.85 -2.15
N LEU A 1224 -19.41 33.67 -1.54
CA LEU A 1224 -19.97 32.48 -2.16
C LEU A 1224 -21.01 31.86 -1.23
N LYS A 1225 -21.97 32.67 -0.78
CA LYS A 1225 -22.95 32.26 0.22
C LYS A 1225 -23.63 30.94 -0.14
N LEU A 1226 -24.11 30.83 -1.39
CA LEU A 1226 -24.71 29.59 -1.85
C LEU A 1226 -23.72 28.67 -2.55
N GLU A 1227 -22.48 29.12 -2.75
CA GLU A 1227 -21.46 28.33 -3.44
C GLU A 1227 -20.22 28.12 -2.58
N SER A 1228 -20.35 28.21 -1.27
CA SER A 1228 -19.19 28.03 -0.38
C SER A 1228 -18.71 26.59 -0.41
N GLU A 1229 -17.39 26.42 -0.41
CA GLU A 1229 -16.80 25.08 -0.44
C GLU A 1229 -16.74 24.52 0.98
N VAL A 1230 -17.29 23.32 1.16
CA VAL A 1230 -17.28 22.62 2.45
C VAL A 1230 -16.51 21.32 2.28
N MET A 1231 -15.48 21.15 3.12
CA MET A 1231 -14.66 19.95 3.07
C MET A 1231 -15.22 18.89 4.02
N GLU A 1232 -14.43 17.85 4.25
CA GLU A 1232 -14.86 16.75 5.11
C GLU A 1232 -15.10 17.23 6.53
N ASN A 1233 -16.24 16.82 7.09
CA ASN A 1233 -16.66 17.08 8.46
C ASN A 1233 -16.98 18.56 8.68
N GLY A 1234 -16.77 19.40 7.67
CA GLY A 1234 -17.07 20.82 7.80
C GLY A 1234 -16.26 21.53 8.87
N ASP A 1235 -14.96 21.27 8.92
CA ASP A 1235 -14.09 21.87 9.94
C ASP A 1235 -13.61 23.26 9.53
N ASN A 1236 -14.55 24.13 9.15
CA ASN A 1236 -14.21 25.50 8.79
C ASN A 1236 -15.09 26.52 9.49
N PHE A 1237 -16.25 26.14 10.01
CA PHE A 1237 -17.09 27.00 10.83
C PHE A 1237 -16.94 26.61 12.29
N SER A 1238 -17.66 27.31 13.15
CA SER A 1238 -17.70 26.97 14.57
C SER A 1238 -18.68 25.82 14.80
N VAL A 1239 -18.54 25.18 15.96
CA VAL A 1239 -19.41 24.05 16.30
C VAL A 1239 -20.87 24.52 16.37
N GLY A 1240 -21.11 25.66 17.01
CA GLY A 1240 -22.46 26.18 17.08
C GLY A 1240 -23.03 26.50 15.72
N GLU A 1241 -22.19 27.02 14.81
CA GLU A 1241 -22.63 27.27 13.45
C GLU A 1241 -23.03 25.97 12.75
N ARG A 1242 -22.25 24.91 12.95
CA ARG A 1242 -22.58 23.61 12.35
C ARG A 1242 -23.90 23.09 12.89
N GLN A 1243 -24.11 23.18 14.21
CA GLN A 1243 -25.38 22.71 14.77
C GLN A 1243 -26.56 23.54 14.26
N LEU A 1244 -26.38 24.87 14.18
CA LEU A 1244 -27.46 25.72 13.69
C LEU A 1244 -27.79 25.41 12.24
N LEU A 1245 -26.77 25.15 11.42
CA LEU A 1245 -27.00 24.67 10.06
C LEU A 1245 -27.74 23.33 10.08
N CYS A 1246 -27.47 22.49 11.07
CA CYS A 1246 -28.17 21.22 11.16
C CYS A 1246 -29.67 21.42 11.38
N ILE A 1247 -30.04 22.26 12.35
CA ILE A 1247 -31.49 22.48 12.53
C ILE A 1247 -32.07 23.21 11.33
N ALA A 1248 -31.30 24.11 10.69
CA ALA A 1248 -31.80 24.79 9.50
C ALA A 1248 -32.09 23.79 8.38
N ARG A 1249 -31.22 22.79 8.21
CA ARG A 1249 -31.49 21.73 7.24
C ARG A 1249 -32.71 20.91 7.65
N ALA A 1250 -32.85 20.61 8.94
CA ALA A 1250 -33.99 19.84 9.41
C ALA A 1250 -35.31 20.59 9.23
N LEU A 1251 -35.27 21.92 9.14
CA LEU A 1251 -36.48 22.71 8.98
C LEU A 1251 -37.04 22.64 7.56
N LEU A 1252 -36.17 22.41 6.56
CA LEU A 1252 -36.60 22.48 5.17
C LEU A 1252 -37.62 21.40 4.83
N ARG A 1253 -37.44 20.19 5.36
CA ARG A 1253 -38.30 19.07 4.98
C ARG A 1253 -39.75 19.27 5.44
N HIS A 1254 -39.98 20.12 6.44
CA HIS A 1254 -41.33 20.47 6.90
C HIS A 1254 -42.09 19.21 7.32
N CYS A 1255 -41.58 18.61 8.39
CA CYS A 1255 -42.16 17.40 8.96
C CYS A 1255 -42.85 17.72 10.28
N LYS A 1256 -44.08 17.24 10.43
CA LYS A 1256 -44.85 17.54 11.63
C LYS A 1256 -44.31 16.82 12.85
N ILE A 1257 -43.61 15.70 12.65
CA ILE A 1257 -43.06 14.90 13.74
C ILE A 1257 -41.55 15.11 13.78
N LEU A 1258 -41.04 15.52 14.94
CA LEU A 1258 -39.62 15.79 15.13
C LEU A 1258 -39.15 15.09 16.40
N ILE A 1259 -37.94 14.53 16.33
CA ILE A 1259 -37.32 13.84 17.45
C ILE A 1259 -35.92 14.39 17.66
N LEU A 1260 -35.60 14.77 18.89
CA LEU A 1260 -34.30 15.33 19.24
C LEU A 1260 -33.55 14.32 20.11
N ASP A 1261 -32.29 14.05 19.76
CA ASP A 1261 -31.49 13.04 20.45
C ASP A 1261 -30.09 13.59 20.73
N GLU A 1262 -29.92 14.21 21.90
CA GLU A 1262 -28.62 14.61 22.43
C GLU A 1262 -27.88 15.53 21.46
N ALA A 1263 -28.43 16.71 21.27
CA ALA A 1263 -27.86 17.71 20.37
C ALA A 1263 -26.78 18.56 21.03
N THR A 1264 -26.50 18.35 22.31
CA THR A 1264 -25.51 19.13 23.04
C THR A 1264 -24.40 18.19 23.51
N ALA A 1265 -23.15 18.57 23.26
CA ALA A 1265 -21.99 17.76 23.67
C ALA A 1265 -20.79 18.68 23.80
N ALA A 1266 -20.44 19.02 25.05
CA ALA A 1266 -19.24 19.78 25.37
C ALA A 1266 -19.20 21.11 24.62
N MET A 1267 -20.18 21.96 24.91
CA MET A 1267 -20.33 23.24 24.23
C MET A 1267 -20.67 24.32 25.27
N ASP A 1268 -20.38 25.57 24.92
CA ASP A 1268 -20.54 26.70 25.82
C ASP A 1268 -22.00 26.86 26.25
N THR A 1269 -22.23 27.69 27.27
CA THR A 1269 -23.54 27.79 27.87
C THR A 1269 -24.50 28.63 27.02
N GLU A 1270 -24.10 29.84 26.66
CA GLU A 1270 -24.99 30.73 25.91
C GLU A 1270 -25.32 30.16 24.55
N THR A 1271 -24.40 29.39 23.95
CA THR A 1271 -24.70 28.75 22.67
C THR A 1271 -25.82 27.72 22.82
N ASP A 1272 -25.76 26.90 23.87
CA ASP A 1272 -26.84 25.94 24.11
C ASP A 1272 -28.15 26.64 24.45
N LEU A 1273 -28.09 27.75 25.19
CA LEU A 1273 -29.31 28.51 25.46
C LEU A 1273 -29.93 29.04 24.18
N LEU A 1274 -29.11 29.60 23.28
CA LEU A 1274 -29.62 30.09 22.01
C LEU A 1274 -30.18 28.95 21.17
N ILE A 1275 -29.50 27.81 21.15
CA ILE A 1275 -29.98 26.66 20.38
C ILE A 1275 -31.32 26.17 20.92
N GLN A 1276 -31.44 26.10 22.25
CA GLN A 1276 -32.69 25.65 22.85
C GLN A 1276 -33.84 26.60 22.54
N GLU A 1277 -33.58 27.91 22.65
CA GLU A 1277 -34.65 28.87 22.36
C GLU A 1277 -35.03 28.86 20.88
N THR A 1278 -34.04 28.68 19.99
CA THR A 1278 -34.34 28.59 18.57
C THR A 1278 -35.15 27.35 18.25
N ILE A 1279 -34.81 26.22 18.87
CA ILE A 1279 -35.58 24.99 18.67
C ILE A 1279 -37.01 25.16 19.17
N ARG A 1280 -37.16 25.79 20.35
CA ARG A 1280 -38.50 25.99 20.91
C ARG A 1280 -39.34 26.90 20.02
N GLU A 1281 -38.76 27.99 19.51
CA GLU A 1281 -39.54 28.95 18.72
C GLU A 1281 -39.79 28.46 17.30
N ALA A 1282 -38.87 27.66 16.73
CA ALA A 1282 -39.00 27.29 15.32
C ALA A 1282 -40.09 26.25 15.11
N PHE A 1283 -40.18 25.25 15.97
CA PHE A 1283 -41.12 24.14 15.82
C PHE A 1283 -42.14 24.10 16.95
N ALA A 1284 -42.69 25.26 17.32
CA ALA A 1284 -43.73 25.28 18.35
C ALA A 1284 -44.98 24.53 17.92
N ASP A 1285 -45.19 24.40 16.60
CA ASP A 1285 -46.35 23.68 16.07
C ASP A 1285 -46.05 22.22 15.76
N CYS A 1286 -44.86 21.73 16.08
CA CYS A 1286 -44.46 20.36 15.80
C CYS A 1286 -44.26 19.59 17.10
N THR A 1287 -44.64 18.33 17.10
CA THR A 1287 -44.48 17.48 18.28
C THR A 1287 -43.01 17.26 18.59
N MET A 1288 -42.71 17.07 19.87
CA MET A 1288 -41.35 16.89 20.34
C MET A 1288 -41.21 15.53 21.01
N LEU A 1289 -40.16 14.80 20.65
CA LEU A 1289 -39.75 13.55 21.31
C LEU A 1289 -38.27 13.71 21.65
N THR A 1290 -38.00 14.28 22.81
CA THR A 1290 -36.63 14.63 23.20
C THR A 1290 -35.97 13.45 23.87
N ILE A 1291 -34.95 12.88 23.22
CA ILE A 1291 -34.16 11.79 23.78
C ILE A 1291 -32.91 12.45 24.36
N ALA A 1292 -33.00 12.85 25.62
CA ALA A 1292 -31.91 13.55 26.29
C ALA A 1292 -31.66 12.93 27.67
N HIS A 1293 -30.40 12.95 28.08
CA HIS A 1293 -30.00 12.42 29.38
C HIS A 1293 -29.90 13.48 30.46
N ARG A 1294 -29.81 14.76 30.09
CA ARG A 1294 -29.72 15.84 31.04
C ARG A 1294 -31.11 16.18 31.55
N LEU A 1295 -31.36 15.92 32.83
CA LEU A 1295 -32.68 16.19 33.40
C LEU A 1295 -32.97 17.68 33.53
N HIS A 1296 -31.93 18.52 33.56
CA HIS A 1296 -32.15 19.96 33.64
C HIS A 1296 -32.79 20.50 32.37
N THR A 1297 -32.36 19.99 31.21
CA THR A 1297 -32.87 20.50 29.94
C THR A 1297 -34.29 20.04 29.63
N VAL A 1298 -34.75 18.96 30.27
CA VAL A 1298 -36.09 18.44 30.00
C VAL A 1298 -37.16 19.09 30.87
N LEU A 1299 -36.77 19.96 31.81
CA LEU A 1299 -37.74 20.64 32.64
C LEU A 1299 -38.58 21.61 31.82
N GLY A 1300 -39.85 21.73 32.18
CA GLY A 1300 -40.78 22.59 31.48
C GLY A 1300 -41.53 21.94 30.33
N SER A 1301 -41.22 20.68 30.01
CA SER A 1301 -41.92 19.98 28.95
C SER A 1301 -43.32 19.57 29.41
N ASP A 1302 -44.15 19.19 28.44
CA ASP A 1302 -45.52 18.79 28.75
C ASP A 1302 -45.56 17.50 29.56
N ARG A 1303 -44.79 16.49 29.14
CA ARG A 1303 -44.75 15.21 29.83
C ARG A 1303 -43.32 14.68 29.82
N ILE A 1304 -43.05 13.78 30.76
CA ILE A 1304 -41.74 13.15 30.92
C ILE A 1304 -41.91 11.64 30.77
N MET A 1305 -41.09 11.04 29.91
CA MET A 1305 -41.11 9.60 29.68
C MET A 1305 -39.90 8.96 30.34
N VAL A 1306 -40.14 7.92 31.13
CA VAL A 1306 -39.09 7.20 31.84
C VAL A 1306 -39.14 5.74 31.42
N LEU A 1307 -38.00 5.20 31.01
CA LEU A 1307 -37.88 3.81 30.59
C LEU A 1307 -37.01 3.04 31.58
N ALA A 1308 -37.50 1.87 32.00
CA ALA A 1308 -36.81 1.03 32.97
C ALA A 1308 -36.60 -0.35 32.32
N GLN A 1309 -35.44 -0.51 31.68
CA GLN A 1309 -35.06 -1.78 31.03
C GLN A 1309 -36.13 -2.23 30.03
N GLY A 1310 -36.64 -1.29 29.25
CA GLY A 1310 -37.65 -1.61 28.25
C GLY A 1310 -39.07 -1.57 28.72
N GLN A 1311 -39.35 -0.93 29.86
CA GLN A 1311 -40.71 -0.83 30.38
C GLN A 1311 -40.97 0.60 30.82
N VAL A 1312 -42.24 0.99 30.79
CA VAL A 1312 -42.67 2.33 31.19
C VAL A 1312 -43.45 2.22 32.50
N VAL A 1313 -43.10 3.06 33.47
CA VAL A 1313 -43.72 3.04 34.79
C VAL A 1313 -44.45 4.34 35.10
N GLU A 1314 -43.86 5.49 34.74
CA GLU A 1314 -44.46 6.78 35.02
C GLU A 1314 -44.86 7.45 33.71
N PHE A 1315 -46.09 7.99 33.68
CA PHE A 1315 -46.60 8.69 32.51
C PHE A 1315 -47.54 9.78 33.00
N ASP A 1316 -46.99 10.98 33.17
CA ASP A 1316 -47.75 12.13 33.65
C ASP A 1316 -46.90 13.38 33.45
N THR A 1317 -47.46 14.53 33.80
CA THR A 1317 -46.74 15.79 33.67
C THR A 1317 -45.62 15.87 34.70
N PRO A 1318 -44.52 16.56 34.37
CA PRO A 1318 -43.42 16.70 35.34
C PRO A 1318 -43.79 17.48 36.58
N SER A 1319 -44.87 18.26 36.55
CA SER A 1319 -45.28 19.03 37.72
C SER A 1319 -45.64 18.11 38.87
N VAL A 1320 -46.36 17.02 38.59
CA VAL A 1320 -46.70 16.05 39.63
C VAL A 1320 -45.62 15.00 39.83
N LEU A 1321 -44.70 14.84 38.87
CA LEU A 1321 -43.62 13.87 39.04
C LEU A 1321 -42.61 14.34 40.07
N LEU A 1322 -42.30 15.63 40.08
CA LEU A 1322 -41.35 16.19 41.04
C LEU A 1322 -41.94 16.39 42.43
N SER A 1323 -43.26 16.34 42.56
CA SER A 1323 -43.92 16.50 43.84
C SER A 1323 -44.05 15.20 44.62
N ASN A 1324 -43.64 14.07 44.04
CA ASN A 1324 -43.72 12.78 44.68
C ASN A 1324 -42.30 12.27 44.96
N ASP A 1325 -42.04 11.92 46.22
CA ASP A 1325 -40.72 11.44 46.59
C ASP A 1325 -40.45 10.03 46.10
N SER A 1326 -41.52 9.22 45.95
CA SER A 1326 -41.36 7.84 45.53
C SER A 1326 -41.19 7.69 44.02
N SER A 1327 -41.36 8.77 43.25
CA SER A 1327 -41.20 8.70 41.81
C SER A 1327 -39.75 8.46 41.43
N ARG A 1328 -39.54 7.60 40.44
CA ARG A 1328 -38.18 7.32 39.97
C ARG A 1328 -37.57 8.54 39.29
N PHE A 1329 -38.39 9.30 38.56
CA PHE A 1329 -37.89 10.51 37.91
C PHE A 1329 -37.41 11.53 38.94
N TYR A 1330 -38.16 11.68 40.03
CA TYR A 1330 -37.73 12.59 41.09
C TYR A 1330 -36.42 12.14 41.71
N ALA A 1331 -36.26 10.83 41.93
CA ALA A 1331 -35.02 10.31 42.48
C ALA A 1331 -33.85 10.56 41.53
N MET A 1332 -34.08 10.36 40.22
CA MET A 1332 -33.02 10.63 39.25
C MET A 1332 -32.66 12.10 39.22
N PHE A 1333 -33.66 12.99 39.30
CA PHE A 1333 -33.38 14.42 39.33
C PHE A 1333 -32.60 14.81 40.58
N ALA A 1334 -32.96 14.23 41.73
CA ALA A 1334 -32.23 14.51 42.96
C ALA A 1334 -30.79 14.02 42.87
N ALA A 1335 -30.59 12.83 42.29
CA ALA A 1335 -29.23 12.31 42.12
C ALA A 1335 -28.42 13.21 41.19
N ALA A 1336 -29.03 13.68 40.11
CA ALA A 1336 -28.32 14.58 39.19
C ALA A 1336 -27.97 15.89 39.88
N GLU A 1337 -28.89 16.43 40.69
CA GLU A 1337 -28.61 17.66 41.42
C GLU A 1337 -27.47 17.46 42.42
N ASN A 1338 -27.47 16.32 43.11
CA ASN A 1338 -26.38 16.03 44.05
C ASN A 1338 -25.05 15.89 43.32
N LYS A 1339 -25.05 15.23 42.15
CA LYS A 1339 -23.82 15.09 41.38
C LYS A 1339 -23.31 16.44 40.91
N VAL A 1340 -24.21 17.32 40.46
CA VAL A 1340 -23.79 18.64 40.01
C VAL A 1340 -23.26 19.47 41.17
N ALA A 1341 -23.95 19.44 42.31
CA ALA A 1341 -23.54 20.27 43.45
C ALA A 1341 -22.21 19.80 44.04
N VAL A 1342 -22.01 18.49 44.13
CA VAL A 1342 -20.82 17.93 44.76
C VAL A 1342 -19.76 17.71 43.69
N LYS A 1343 -18.59 18.32 43.89
CA LYS A 1343 -17.48 18.21 42.94
C LYS A 1343 -16.33 17.36 43.45
N GLY A 1344 -15.80 17.59 44.67
CA GLY A 1344 -16.21 18.62 45.61
C GLY A 1344 -15.08 19.14 46.47
N CYS B 1 6.65 3.59 -15.40
CA CYS B 1 6.47 2.97 -14.09
C CYS B 1 6.16 1.48 -14.24
N GLN B 2 5.12 1.17 -15.02
CA GLN B 2 4.73 -0.22 -15.23
C GLN B 2 4.40 -0.51 -16.69
N ASP B 3 5.02 0.19 -17.64
CA ASP B 3 4.76 -0.05 -19.05
C ASP B 3 5.35 -1.38 -19.49
N ALA B 4 4.95 -1.81 -20.70
CA ALA B 4 5.42 -3.08 -21.22
C ALA B 4 6.93 -3.11 -21.41
N LEU B 5 7.54 -1.95 -21.63
CA LEU B 5 8.99 -1.88 -21.79
C LEU B 5 9.74 -2.18 -20.49
N GLU B 6 9.04 -2.19 -19.36
CA GLU B 6 9.66 -2.42 -18.06
C GLU B 6 9.34 -3.79 -17.48
N THR B 7 8.05 -4.16 -17.45
CA THR B 7 7.66 -5.42 -16.83
C THR B 7 8.11 -6.63 -17.63
N ALA B 8 8.19 -6.52 -18.96
CA ALA B 8 8.63 -7.64 -19.78
C ALA B 8 10.07 -8.02 -19.48
N ALA B 9 10.94 -7.02 -19.31
CA ALA B 9 12.35 -7.30 -19.03
C ALA B 9 12.54 -7.88 -17.64
N ARG B 10 11.72 -7.48 -16.67
CA ARG B 10 11.83 -7.99 -15.31
C ARG B 10 11.12 -9.32 -15.12
N ALA B 11 10.46 -9.83 -16.15
CA ALA B 11 9.79 -11.13 -16.07
C ALA B 11 10.78 -12.29 -16.17
N GLU B 12 12.07 -12.02 -16.10
CA GLU B 12 13.11 -13.05 -16.19
C GLU B 12 13.61 -13.51 -14.83
N GLY B 13 12.86 -13.25 -13.76
CA GLY B 13 13.27 -13.68 -12.44
C GLY B 13 13.14 -12.60 -11.37
N LEU B 14 12.50 -11.49 -11.71
CA LEU B 14 12.29 -10.40 -10.78
C LEU B 14 10.82 -10.29 -10.42
N SER B 15 10.56 -10.00 -9.14
CA SER B 15 9.20 -9.92 -8.64
C SER B 15 8.46 -8.74 -9.25
N LEU B 16 7.17 -8.93 -9.50
CA LEU B 16 6.30 -7.88 -10.04
C LEU B 16 5.63 -7.10 -8.91
N ASP B 17 6.47 -6.52 -8.06
CA ASP B 17 5.99 -5.79 -6.89
C ASP B 17 7.06 -4.79 -6.48
N ALA B 18 6.72 -3.49 -6.52
CA ALA B 18 7.72 -2.47 -6.23
C ALA B 18 7.87 -2.25 -4.72
N SER B 19 6.84 -1.70 -4.08
CA SER B 19 6.89 -1.47 -2.64
C SER B 19 5.79 -2.18 -1.87
N MET B 20 4.53 -1.88 -2.17
CA MET B 20 3.38 -2.31 -1.36
C MET B 20 3.69 -2.24 0.13
N HIS B 21 4.16 -1.05 0.55
CA HIS B 21 4.64 -0.84 1.90
C HIS B 21 3.82 0.15 2.71
N SER B 22 3.00 0.99 2.07
CA SER B 22 2.23 2.01 2.78
C SER B 22 1.37 1.39 3.86
N GLN B 23 1.41 1.99 5.04
CA GLN B 23 0.73 1.46 6.23
C GLN B 23 -0.15 2.54 6.85
N LEU B 24 -0.68 2.23 8.03
CA LEU B 24 -1.56 3.13 8.77
C LEU B 24 -0.83 3.64 10.01
#